data_1WYZ
#
_entry.id   1WYZ
#
_cell.length_a   85.785
_cell.length_b   101.542
_cell.length_c   108.802
_cell.angle_alpha   90.00
_cell.angle_beta   90.00
_cell.angle_gamma   90.00
#
_symmetry.space_group_name_H-M   'P 21 21 21'
#
loop_
_entity.id
_entity.type
_entity.pdbx_description
1 polymer 'putative S-adenosylmethionine-dependent methyltransferase'
2 water water
#
_entity_poly.entity_id   1
_entity_poly.type   'polypeptide(L)'
_entity_poly.pdbx_seq_one_letter_code
;(MSE)ETALYLLPVTLGDTPLEQVLPSYNTEIIRGIRHFIVEDVRSARRFLKKVDREIDIDSLTFYPLNKHTSPEDISGY
LKPLAGGAS(MSE)GVISEAGCPAVADPGADVVAIAQRQKLKVIPLVGPSSIILSV(MSE)ASGFNGQSFAFHGYLPIEP
GERAKKLKTLEQRVYAESQTQLFIETPYRNHK(MSE)IEDILQNCRPQTKLCIAANITCEGEFIQTRTVKDWKGHIPELS
KIPCIFLLYKLEHHHHHH
;
_entity_poly.pdbx_strand_id   A,B,C,D
#
# COMPACT_ATOMS: atom_id res chain seq x y z
N GLU A 2 -8.01 -28.83 -24.89
CA GLU A 2 -9.39 -28.70 -24.34
C GLU A 2 -9.89 -30.06 -23.85
N THR A 3 -10.13 -30.98 -24.77
CA THR A 3 -10.61 -32.29 -24.39
C THR A 3 -9.49 -33.03 -23.65
N ALA A 4 -9.61 -33.08 -22.32
CA ALA A 4 -8.61 -33.72 -21.48
C ALA A 4 -9.03 -33.75 -20.01
N LEU A 5 -8.15 -34.31 -19.17
CA LEU A 5 -8.38 -34.39 -17.74
C LEU A 5 -7.63 -33.23 -17.07
N TYR A 6 -8.39 -32.19 -16.75
CA TYR A 6 -7.86 -31.00 -16.11
C TYR A 6 -7.77 -31.20 -14.59
N LEU A 7 -6.56 -31.07 -14.05
CA LEU A 7 -6.33 -31.22 -12.61
C LEU A 7 -6.60 -29.87 -11.97
N LEU A 8 -7.79 -29.71 -11.37
CA LEU A 8 -8.20 -28.44 -10.76
C LEU A 8 -7.83 -28.11 -9.30
N PRO A 9 -7.01 -27.07 -9.09
CA PRO A 9 -6.67 -26.75 -7.70
C PRO A 9 -7.68 -25.84 -6.96
N VAL A 10 -7.75 -25.98 -5.64
CA VAL A 10 -8.67 -25.16 -4.82
C VAL A 10 -7.85 -24.29 -3.86
N THR A 11 -8.53 -23.56 -2.99
CA THR A 11 -7.84 -22.68 -2.03
C THR A 11 -7.17 -23.45 -0.89
N LEU A 12 -6.07 -22.90 -0.38
CA LEU A 12 -5.32 -23.50 0.72
C LEU A 12 -6.11 -23.29 2.02
N GLY A 13 -6.81 -22.17 2.11
CA GLY A 13 -7.60 -21.90 3.30
C GLY A 13 -8.89 -21.17 2.96
N ASP A 14 -9.28 -20.25 3.84
CA ASP A 14 -10.49 -19.46 3.64
C ASP A 14 -10.14 -18.10 3.05
N THR A 15 -10.03 -18.04 1.72
CA THR A 15 -9.69 -16.80 1.03
C THR A 15 -10.47 -16.63 -0.25
N PRO A 16 -10.54 -15.41 -0.77
CA PRO A 16 -11.28 -15.17 -2.01
C PRO A 16 -10.58 -15.96 -3.13
N LEU A 17 -11.32 -16.82 -3.83
CA LEU A 17 -10.75 -17.62 -4.90
C LEU A 17 -9.82 -16.86 -5.86
N GLU A 18 -10.13 -15.60 -6.12
CA GLU A 18 -9.33 -14.79 -7.02
C GLU A 18 -7.95 -14.39 -6.48
N GLN A 19 -7.71 -14.63 -5.20
CA GLN A 19 -6.43 -14.28 -4.61
C GLN A 19 -5.39 -15.38 -4.89
N VAL A 20 -5.88 -16.59 -5.15
CA VAL A 20 -4.98 -17.71 -5.37
C VAL A 20 -5.21 -18.57 -6.61
N LEU A 21 -6.22 -18.25 -7.42
CA LEU A 21 -6.51 -19.02 -8.62
C LEU A 21 -6.56 -18.19 -9.90
N PRO A 22 -5.95 -18.66 -10.99
CA PRO A 22 -6.02 -17.86 -12.21
C PRO A 22 -7.47 -17.90 -12.73
N SER A 23 -7.95 -16.78 -13.25
CA SER A 23 -9.32 -16.72 -13.76
C SER A 23 -9.53 -17.66 -14.96
N TYR A 24 -8.44 -18.07 -15.58
CA TYR A 24 -8.48 -18.99 -16.72
C TYR A 24 -9.13 -20.29 -16.25
N ASN A 25 -8.81 -20.68 -15.02
CA ASN A 25 -9.34 -21.90 -14.44
C ASN A 25 -10.86 -21.90 -14.40
N THR A 26 -11.46 -20.72 -14.29
CA THR A 26 -12.92 -20.62 -14.24
C THR A 26 -13.50 -20.87 -15.63
N GLU A 27 -12.78 -20.44 -16.65
CA GLU A 27 -13.24 -20.63 -18.02
C GLU A 27 -13.38 -22.11 -18.36
N ILE A 28 -12.37 -22.90 -18.05
CA ILE A 28 -12.45 -24.31 -18.37
C ILE A 28 -13.39 -25.04 -17.42
N ILE A 29 -13.46 -24.60 -16.17
CA ILE A 29 -14.38 -25.27 -15.26
C ILE A 29 -15.80 -25.21 -15.82
N ARG A 30 -16.18 -24.04 -16.35
CA ARG A 30 -17.49 -23.83 -16.93
C ARG A 30 -17.78 -24.87 -18.01
N GLY A 31 -16.72 -25.43 -18.59
CA GLY A 31 -16.89 -26.43 -19.63
C GLY A 31 -17.14 -27.83 -19.09
N ILE A 32 -16.31 -28.24 -18.14
CA ILE A 32 -16.39 -29.58 -17.55
C ILE A 32 -17.76 -29.93 -16.97
N ARG A 33 -18.24 -31.13 -17.30
CA ARG A 33 -19.53 -31.62 -16.84
C ARG A 33 -19.35 -32.78 -15.86
N HIS A 34 -18.18 -33.41 -15.89
CA HIS A 34 -17.87 -34.55 -15.04
C HIS A 34 -16.61 -34.32 -14.20
N PHE A 35 -16.73 -34.41 -12.88
CA PHE A 35 -15.59 -34.21 -12.01
C PHE A 35 -15.29 -35.47 -11.21
N ILE A 36 -14.02 -35.69 -10.92
CA ILE A 36 -13.58 -36.82 -10.11
C ILE A 36 -13.07 -36.10 -8.87
N VAL A 37 -13.68 -36.38 -7.73
CA VAL A 37 -13.31 -35.70 -6.49
C VAL A 37 -13.10 -36.56 -5.26
N GLU A 38 -12.42 -35.98 -4.27
CA GLU A 38 -12.14 -36.64 -3.00
C GLU A 38 -13.31 -36.46 -2.04
N ASP A 39 -14.27 -35.62 -2.43
CA ASP A 39 -15.45 -35.36 -1.62
C ASP A 39 -16.42 -34.43 -2.34
N VAL A 40 -17.58 -34.97 -2.70
CA VAL A 40 -18.60 -34.21 -3.41
C VAL A 40 -19.07 -32.99 -2.64
N ARG A 41 -19.09 -33.07 -1.31
CA ARG A 41 -19.52 -31.93 -0.51
C ARG A 41 -18.65 -30.73 -0.80
N SER A 42 -17.40 -30.78 -0.37
CA SER A 42 -16.45 -29.67 -0.57
C SER A 42 -16.35 -29.29 -2.06
N ALA A 43 -16.31 -30.31 -2.92
CA ALA A 43 -16.21 -30.09 -4.35
C ALA A 43 -17.40 -29.32 -4.89
N ARG A 44 -18.60 -29.80 -4.60
CA ARG A 44 -19.80 -29.12 -5.08
C ARG A 44 -19.84 -27.70 -4.55
N ARG A 45 -19.59 -27.53 -3.25
CA ARG A 45 -19.60 -26.20 -2.65
C ARG A 45 -18.59 -25.32 -3.39
N PHE A 46 -17.43 -25.89 -3.68
CA PHE A 46 -16.38 -25.17 -4.40
C PHE A 46 -16.83 -24.62 -5.75
N LEU A 47 -17.43 -25.47 -6.57
CA LEU A 47 -17.88 -25.03 -7.89
C LEU A 47 -18.89 -23.90 -7.79
N LYS A 48 -19.57 -23.81 -6.64
CA LYS A 48 -20.57 -22.76 -6.41
C LYS A 48 -19.84 -21.44 -6.27
N LYS A 49 -18.73 -21.46 -5.55
CA LYS A 49 -17.93 -20.26 -5.34
C LYS A 49 -17.19 -19.88 -6.63
N VAL A 50 -16.98 -20.86 -7.50
CA VAL A 50 -16.31 -20.63 -8.78
C VAL A 50 -17.22 -19.92 -9.77
N ASP A 51 -18.49 -20.33 -9.81
CA ASP A 51 -19.47 -19.75 -10.71
C ASP A 51 -20.89 -20.04 -10.21
N ARG A 52 -21.72 -18.99 -10.12
CA ARG A 52 -23.09 -19.15 -9.65
C ARG A 52 -23.94 -19.89 -10.67
N GLU A 53 -23.68 -19.65 -11.95
CA GLU A 53 -24.44 -20.25 -13.04
C GLU A 53 -24.24 -21.75 -13.24
N ILE A 54 -23.14 -22.29 -12.75
CA ILE A 54 -22.88 -23.71 -12.91
C ILE A 54 -23.93 -24.55 -12.19
N ASP A 55 -24.93 -25.01 -12.93
CA ASP A 55 -25.99 -25.81 -12.36
C ASP A 55 -25.44 -27.13 -11.79
N ILE A 56 -25.36 -27.22 -10.46
CA ILE A 56 -24.84 -28.43 -9.83
C ILE A 56 -25.76 -29.63 -10.01
N ASP A 57 -26.67 -29.55 -10.98
CA ASP A 57 -27.57 -30.65 -11.26
C ASP A 57 -26.87 -31.55 -12.29
N SER A 58 -25.60 -31.25 -12.54
CA SER A 58 -24.77 -32.04 -13.46
C SER A 58 -24.11 -33.12 -12.61
N LEU A 59 -24.89 -33.66 -11.68
CA LEU A 59 -24.45 -34.69 -10.74
C LEU A 59 -23.80 -35.90 -11.41
N THR A 60 -22.52 -35.78 -11.69
CA THR A 60 -21.74 -36.83 -12.30
C THR A 60 -20.43 -36.88 -11.53
N PHE A 61 -20.44 -36.27 -10.35
CA PHE A 61 -19.27 -36.25 -9.49
C PHE A 61 -18.93 -37.69 -9.08
N TYR A 62 -17.76 -38.15 -9.46
CA TYR A 62 -17.33 -39.51 -9.11
C TYR A 62 -16.41 -39.46 -7.89
N PRO A 63 -16.83 -40.11 -6.79
CA PRO A 63 -16.05 -40.16 -5.54
C PRO A 63 -14.77 -40.96 -5.72
N LEU A 64 -13.66 -40.44 -5.19
CA LEU A 64 -12.35 -41.09 -5.31
C LEU A 64 -11.63 -41.16 -3.96
N ASN A 65 -10.97 -42.29 -3.71
CA ASN A 65 -10.22 -42.52 -2.45
C ASN A 65 -8.79 -42.97 -2.71
N LYS A 66 -8.04 -43.22 -1.63
CA LYS A 66 -6.67 -43.67 -1.78
C LYS A 66 -6.66 -45.17 -2.01
N HIS A 67 -7.84 -45.78 -1.92
CA HIS A 67 -7.97 -47.21 -2.14
C HIS A 67 -8.96 -47.54 -3.22
N THR A 68 -9.49 -46.51 -3.87
CA THR A 68 -10.43 -46.72 -4.95
C THR A 68 -9.76 -47.65 -5.96
N SER A 69 -10.52 -48.62 -6.47
CA SER A 69 -9.98 -49.59 -7.42
C SER A 69 -9.57 -48.92 -8.74
N PRO A 70 -8.46 -49.39 -9.34
CA PRO A 70 -7.98 -48.84 -10.60
C PRO A 70 -8.96 -49.18 -11.73
N GLU A 71 -9.78 -50.20 -11.47
CA GLU A 71 -10.80 -50.64 -12.43
C GLU A 71 -11.94 -49.61 -12.44
N ASP A 72 -12.41 -49.23 -11.25
CA ASP A 72 -13.48 -48.26 -11.13
C ASP A 72 -13.02 -46.90 -11.67
N ILE A 73 -11.78 -46.53 -11.35
CA ILE A 73 -11.22 -45.27 -11.82
C ILE A 73 -11.36 -45.22 -13.34
N SER A 74 -11.02 -46.33 -13.99
CA SER A 74 -11.10 -46.45 -15.43
C SER A 74 -12.51 -46.12 -15.90
N GLY A 75 -13.50 -46.64 -15.17
CA GLY A 75 -14.90 -46.40 -15.49
C GLY A 75 -15.20 -44.93 -15.35
N TYR A 76 -14.59 -44.31 -14.35
CA TYR A 76 -14.80 -42.88 -14.13
C TYR A 76 -14.27 -42.05 -15.29
N LEU A 77 -13.23 -42.55 -15.96
CA LEU A 77 -12.60 -41.87 -17.09
C LEU A 77 -13.34 -42.01 -18.41
N LYS A 78 -14.31 -42.93 -18.45
CA LYS A 78 -15.08 -43.19 -19.67
C LYS A 78 -15.57 -41.94 -20.40
N PRO A 79 -16.06 -40.93 -19.66
CA PRO A 79 -16.50 -39.75 -20.39
C PRO A 79 -15.33 -39.13 -21.14
N LEU A 80 -14.17 -39.05 -20.47
CA LEU A 80 -12.97 -38.50 -21.09
C LEU A 80 -12.59 -39.32 -22.32
N ALA A 81 -12.65 -40.65 -22.16
CA ALA A 81 -12.36 -41.56 -23.25
C ALA A 81 -13.33 -41.27 -24.40
N GLY A 82 -14.51 -40.76 -24.04
CA GLY A 82 -15.52 -40.44 -25.04
C GLY A 82 -15.40 -39.10 -25.75
N GLY A 83 -14.49 -38.24 -25.27
CA GLY A 83 -14.31 -36.95 -25.91
C GLY A 83 -14.77 -35.77 -25.09
N ALA A 84 -15.21 -36.03 -23.86
CA ALA A 84 -15.67 -34.97 -22.96
C ALA A 84 -14.57 -34.65 -21.96
N SER A 85 -14.34 -33.36 -21.70
CA SER A 85 -13.32 -32.96 -20.74
C SER A 85 -13.76 -33.22 -19.30
N MSE A 86 -12.82 -33.56 -18.43
CA MSE A 86 -13.13 -33.83 -17.02
C MSE A 86 -12.17 -33.12 -16.07
O MSE A 86 -11.05 -32.82 -16.43
CB MSE A 86 -13.08 -35.32 -16.72
CG MSE A 86 -14.04 -36.17 -17.50
SE MSE A 86 -13.89 -38.02 -16.88
CE MSE A 86 -15.26 -38.03 -15.51
N GLY A 87 -12.63 -32.86 -14.85
CA GLY A 87 -11.75 -32.20 -13.91
C GLY A 87 -11.57 -33.01 -12.63
N VAL A 88 -10.44 -32.80 -11.95
CA VAL A 88 -10.17 -33.47 -10.68
C VAL A 88 -10.08 -32.34 -9.66
N ILE A 89 -10.68 -32.54 -8.48
CA ILE A 89 -10.69 -31.53 -7.43
C ILE A 89 -10.34 -32.10 -6.06
N SER A 90 -9.42 -31.44 -5.35
CA SER A 90 -8.99 -31.92 -4.03
C SER A 90 -9.68 -31.26 -2.83
N GLU A 91 -9.20 -31.60 -1.64
CA GLU A 91 -9.72 -31.08 -0.38
C GLU A 91 -11.22 -31.25 -0.25
N ASP A 99 -4.03 -36.22 -3.11
CA ASP A 99 -3.29 -37.46 -3.22
C ASP A 99 -4.08 -38.51 -3.99
N PRO A 100 -5.37 -38.69 -3.65
CA PRO A 100 -6.15 -39.70 -4.39
C PRO A 100 -6.15 -39.31 -5.88
N GLY A 101 -6.00 -38.00 -6.11
CA GLY A 101 -5.97 -37.50 -7.46
C GLY A 101 -4.77 -38.06 -8.22
N ALA A 102 -3.73 -38.44 -7.47
CA ALA A 102 -2.52 -38.99 -8.07
C ALA A 102 -2.82 -40.31 -8.76
N ASP A 103 -3.69 -41.11 -8.13
CA ASP A 103 -4.09 -42.41 -8.67
C ASP A 103 -4.92 -42.27 -9.93
N VAL A 104 -5.66 -41.17 -10.03
CA VAL A 104 -6.49 -40.97 -11.22
C VAL A 104 -5.63 -40.58 -12.41
N VAL A 105 -4.63 -39.76 -12.16
CA VAL A 105 -3.73 -39.34 -13.22
C VAL A 105 -2.94 -40.55 -13.68
N ALA A 106 -2.53 -41.38 -12.73
CA ALA A 106 -1.76 -42.59 -13.03
C ALA A 106 -2.57 -43.50 -13.96
N ILE A 107 -3.84 -43.72 -13.67
CA ILE A 107 -4.65 -44.56 -14.53
C ILE A 107 -4.81 -43.85 -15.89
N ALA A 108 -5.06 -42.54 -15.84
CA ALA A 108 -5.25 -41.76 -17.07
C ALA A 108 -4.02 -41.75 -17.98
N GLN A 109 -2.82 -41.66 -17.41
CA GLN A 109 -1.58 -41.68 -18.19
C GLN A 109 -1.43 -43.03 -18.83
N ARG A 110 -1.81 -44.06 -18.07
CA ARG A 110 -1.74 -45.44 -18.52
C ARG A 110 -2.61 -45.65 -19.76
N GLN A 111 -3.74 -44.94 -19.83
CA GLN A 111 -4.63 -45.04 -20.97
C GLN A 111 -4.29 -43.96 -21.98
N LYS A 112 -3.13 -43.34 -21.79
CA LYS A 112 -2.64 -42.29 -22.67
C LYS A 112 -3.65 -41.18 -22.91
N LEU A 113 -4.45 -40.86 -21.90
CA LEU A 113 -5.41 -39.76 -22.01
C LEU A 113 -4.64 -38.47 -21.71
N LYS A 114 -5.09 -37.37 -22.30
CA LYS A 114 -4.46 -36.07 -22.10
C LYS A 114 -4.72 -35.51 -20.70
N VAL A 115 -3.65 -35.10 -20.04
CA VAL A 115 -3.71 -34.56 -18.70
C VAL A 115 -3.12 -33.15 -18.71
N ILE A 116 -3.79 -32.22 -18.04
CA ILE A 116 -3.29 -30.87 -17.98
C ILE A 116 -3.56 -30.24 -16.61
N PRO A 117 -2.48 -29.90 -15.90
CA PRO A 117 -2.58 -29.29 -14.56
C PRO A 117 -2.71 -27.76 -14.63
N LEU A 118 -3.59 -27.18 -13.84
CA LEU A 118 -3.76 -25.74 -13.84
C LEU A 118 -3.07 -25.13 -12.61
N VAL A 119 -2.64 -23.88 -12.73
CA VAL A 119 -1.95 -23.21 -11.64
C VAL A 119 -2.80 -23.01 -10.39
N GLY A 120 -2.19 -23.26 -9.24
CA GLY A 120 -2.91 -23.11 -8.00
C GLY A 120 -1.98 -22.88 -6.85
N PRO A 121 -2.50 -22.53 -5.67
CA PRO A 121 -1.58 -22.31 -4.56
C PRO A 121 -1.01 -23.65 -4.11
N SER A 122 0.29 -23.68 -3.85
CA SER A 122 0.99 -24.87 -3.36
C SER A 122 1.77 -24.41 -2.15
N SER A 123 1.39 -24.91 -0.97
CA SER A 123 2.09 -24.53 0.24
C SER A 123 3.53 -24.99 0.13
N ILE A 124 3.77 -25.99 -0.72
CA ILE A 124 5.13 -26.47 -0.90
C ILE A 124 6.04 -25.45 -1.60
N ILE A 125 5.66 -24.97 -2.80
CA ILE A 125 6.53 -24.00 -3.49
C ILE A 125 6.46 -22.60 -2.89
N LEU A 126 5.29 -22.21 -2.39
CA LEU A 126 5.14 -20.91 -1.77
C LEU A 126 6.09 -20.83 -0.56
N SER A 127 6.18 -21.93 0.18
CA SER A 127 7.05 -22.00 1.35
C SER A 127 8.51 -21.87 0.95
N VAL A 128 8.93 -22.69 -0.01
CA VAL A 128 10.30 -22.62 -0.47
C VAL A 128 10.63 -21.16 -0.80
N MSE A 129 9.70 -20.51 -1.49
CA MSE A 129 9.88 -19.13 -1.90
C MSE A 129 10.10 -18.17 -0.75
O MSE A 129 11.05 -17.37 -0.76
CB MSE A 129 8.68 -18.68 -2.73
CG MSE A 129 8.58 -19.29 -4.13
SE MSE A 129 6.87 -18.94 -4.98
CE MSE A 129 6.88 -16.99 -4.86
N ALA A 130 9.23 -18.23 0.25
CA ALA A 130 9.33 -17.32 1.37
C ALA A 130 10.37 -17.66 2.40
N SER A 131 10.93 -18.87 2.32
CA SER A 131 11.95 -19.26 3.28
C SER A 131 13.31 -18.74 2.89
N GLY A 132 13.54 -18.60 1.59
CA GLY A 132 14.84 -18.13 1.14
C GLY A 132 15.81 -19.29 1.05
N PHE A 133 15.28 -20.51 1.19
CA PHE A 133 16.09 -21.71 1.10
C PHE A 133 16.25 -22.09 -0.36
N ASN A 134 17.05 -23.13 -0.60
CA ASN A 134 17.31 -23.64 -1.95
C ASN A 134 16.04 -24.01 -2.69
N GLY A 135 15.75 -23.33 -3.80
CA GLY A 135 14.55 -23.64 -4.55
C GLY A 135 14.88 -24.49 -5.76
N GLN A 136 16.18 -24.69 -5.97
CA GLN A 136 16.65 -25.47 -7.10
C GLN A 136 16.91 -26.92 -6.69
N SER A 137 16.65 -27.22 -5.43
CA SER A 137 16.80 -28.57 -4.89
C SER A 137 16.13 -28.67 -3.52
N PHE A 138 14.95 -29.28 -3.46
CA PHE A 138 14.21 -29.46 -2.22
C PHE A 138 13.43 -30.76 -2.30
N ALA A 139 12.96 -31.25 -1.16
CA ALA A 139 12.24 -32.51 -1.09
C ALA A 139 11.09 -32.49 -0.07
N PHE A 140 9.91 -32.92 -0.49
CA PHE A 140 8.74 -32.97 0.38
C PHE A 140 8.52 -34.40 0.89
N HIS A 141 8.41 -34.55 2.21
CA HIS A 141 8.21 -35.88 2.79
C HIS A 141 6.82 -36.08 3.40
N GLY A 142 5.96 -35.08 3.29
CA GLY A 142 4.61 -35.20 3.85
C GLY A 142 4.62 -35.27 5.37
N TYR A 143 4.12 -36.37 5.94
CA TYR A 143 4.10 -36.52 7.40
C TYR A 143 5.26 -37.41 7.83
N LEU A 144 5.86 -37.11 8.97
CA LEU A 144 6.99 -37.88 9.48
C LEU A 144 6.53 -38.94 10.48
N PRO A 145 7.40 -39.91 10.78
CA PRO A 145 7.08 -40.99 11.74
C PRO A 145 6.52 -40.54 13.07
N ILE A 146 5.34 -41.07 13.38
CA ILE A 146 4.57 -40.77 14.58
C ILE A 146 5.26 -41.08 15.91
N GLU A 147 5.77 -42.29 16.06
CA GLU A 147 6.44 -42.70 17.29
C GLU A 147 7.78 -42.00 17.46
N PRO A 148 8.07 -41.52 18.68
CA PRO A 148 9.34 -40.83 18.95
C PRO A 148 10.52 -41.74 18.62
N GLY A 149 11.71 -41.16 18.50
CA GLY A 149 12.89 -41.97 18.19
C GLY A 149 12.94 -42.36 16.73
N GLU A 150 11.76 -42.63 16.18
CA GLU A 150 11.68 -42.98 14.78
C GLU A 150 11.59 -41.60 14.10
N ARG A 151 11.00 -40.66 14.83
CA ARG A 151 10.85 -39.30 14.35
C ARG A 151 12.17 -38.56 14.48
N ALA A 152 12.97 -38.94 15.47
CA ALA A 152 14.26 -38.33 15.66
C ALA A 152 15.20 -38.86 14.59
N LYS A 153 15.03 -40.13 14.24
CA LYS A 153 15.85 -40.75 13.20
C LYS A 153 15.62 -40.00 11.91
N LYS A 154 14.34 -39.81 11.58
CA LYS A 154 13.95 -39.13 10.36
C LYS A 154 14.51 -37.71 10.29
N LEU A 155 14.23 -36.89 11.31
CA LEU A 155 14.73 -35.51 11.35
C LEU A 155 16.23 -35.50 11.16
N LYS A 156 16.91 -36.42 11.85
CA LYS A 156 18.36 -36.52 11.79
C LYS A 156 18.87 -36.83 10.38
N THR A 157 18.14 -37.70 9.66
CA THR A 157 18.52 -38.11 8.31
C THR A 157 18.23 -36.98 7.33
N LEU A 158 17.07 -36.34 7.48
CA LEU A 158 16.71 -35.24 6.60
C LEU A 158 17.83 -34.21 6.71
N GLU A 159 18.14 -33.85 7.95
CA GLU A 159 19.18 -32.87 8.24
C GLU A 159 20.52 -33.23 7.60
N GLN A 160 20.91 -34.49 7.70
CA GLN A 160 22.18 -34.92 7.11
C GLN A 160 22.13 -34.71 5.59
N ARG A 161 20.99 -35.04 4.98
CA ARG A 161 20.83 -34.87 3.54
C ARG A 161 20.92 -33.39 3.16
N VAL A 162 20.48 -32.54 4.08
CA VAL A 162 20.54 -31.10 3.85
C VAL A 162 21.94 -30.68 3.41
N TYR A 163 22.94 -31.12 4.18
CA TYR A 163 24.34 -30.80 3.92
C TYR A 163 24.99 -31.73 2.92
N ALA A 164 24.48 -32.95 2.80
CA ALA A 164 25.05 -33.90 1.87
C ALA A 164 24.67 -33.61 0.42
N GLU A 165 23.51 -32.98 0.20
CA GLU A 165 23.03 -32.69 -1.15
C GLU A 165 22.59 -31.25 -1.40
N SER A 166 22.83 -30.37 -0.44
CA SER A 166 22.41 -28.98 -0.59
C SER A 166 20.95 -28.93 -1.04
N GLN A 167 20.11 -29.62 -0.30
CA GLN A 167 18.69 -29.69 -0.62
C GLN A 167 17.72 -29.40 0.52
N THR A 168 16.86 -28.44 0.30
CA THR A 168 15.85 -28.07 1.27
C THR A 168 15.00 -29.31 1.59
N GLN A 169 14.68 -29.51 2.87
CA GLN A 169 13.85 -30.65 3.26
C GLN A 169 12.51 -30.14 3.81
N LEU A 170 11.40 -30.65 3.28
CA LEU A 170 10.08 -30.18 3.71
C LEU A 170 9.17 -31.29 4.23
N PHE A 171 8.41 -30.97 5.28
CA PHE A 171 7.46 -31.92 5.86
C PHE A 171 6.34 -31.17 6.58
N ILE A 172 5.16 -31.79 6.67
CA ILE A 172 4.02 -31.16 7.32
C ILE A 172 3.58 -31.91 8.56
N GLU A 173 2.71 -31.28 9.34
CA GLU A 173 2.21 -31.86 10.59
C GLU A 173 0.75 -31.57 10.87
N THR A 174 0.08 -32.52 11.51
CA THR A 174 -1.33 -32.35 11.86
C THR A 174 -1.45 -31.18 12.85
N PRO A 175 -2.49 -30.35 12.68
CA PRO A 175 -2.73 -29.19 13.55
C PRO A 175 -2.36 -29.31 15.03
N TYR A 176 -2.89 -30.30 15.73
CA TYR A 176 -2.58 -30.45 17.15
C TYR A 176 -1.11 -30.74 17.46
N ARG A 177 -0.50 -31.63 16.67
CA ARG A 177 0.89 -32.02 16.87
C ARG A 177 1.97 -30.94 16.61
N ASN A 178 1.55 -29.76 16.15
CA ASN A 178 2.48 -28.68 15.84
C ASN A 178 3.55 -28.34 16.86
N HIS A 179 3.12 -27.93 18.05
CA HIS A 179 4.08 -27.54 19.08
C HIS A 179 4.97 -28.70 19.51
N LYS A 180 4.46 -29.92 19.45
CA LYS A 180 5.27 -31.07 19.85
C LYS A 180 6.38 -31.30 18.82
N MSE A 181 6.11 -30.90 17.57
CA MSE A 181 7.09 -31.05 16.50
C MSE A 181 8.23 -30.05 16.67
O MSE A 181 9.39 -30.46 16.66
CB MSE A 181 6.42 -30.87 15.13
CG MSE A 181 7.40 -30.90 13.95
SE MSE A 181 8.18 -32.66 13.56
CE MSE A 181 9.76 -32.60 14.67
N ILE A 182 7.92 -28.77 16.82
CA ILE A 182 8.99 -27.79 16.99
C ILE A 182 9.90 -28.21 18.15
N GLU A 183 9.30 -28.77 19.19
CA GLU A 183 10.07 -29.23 20.35
C GLU A 183 11.02 -30.31 19.85
N ASP A 184 10.52 -31.20 19.01
CA ASP A 184 11.35 -32.28 18.47
C ASP A 184 12.48 -31.79 17.54
N ILE A 185 12.18 -30.81 16.70
CA ILE A 185 13.17 -30.28 15.78
C ILE A 185 14.36 -29.67 16.51
N LEU A 186 14.07 -28.89 17.55
CA LEU A 186 15.13 -28.23 18.32
C LEU A 186 15.87 -29.12 19.30
N GLN A 187 15.34 -30.30 19.56
CA GLN A 187 16.01 -31.23 20.45
C GLN A 187 16.98 -32.08 19.65
N ASN A 188 16.55 -32.53 18.49
CA ASN A 188 17.36 -33.39 17.62
C ASN A 188 18.22 -32.73 16.55
N CYS A 189 17.87 -31.52 16.13
CA CYS A 189 18.63 -30.85 15.09
C CYS A 189 19.77 -29.99 15.62
N ARG A 190 20.73 -29.70 14.73
CA ARG A 190 21.90 -28.91 15.09
C ARG A 190 21.51 -27.47 15.38
N PRO A 191 22.31 -26.78 16.19
CA PRO A 191 21.97 -25.38 16.51
C PRO A 191 22.08 -24.41 15.31
N GLN A 192 22.96 -24.70 14.36
CA GLN A 192 23.12 -23.82 13.21
C GLN A 192 22.23 -24.13 12.01
N THR A 193 21.63 -25.31 12.00
CA THR A 193 20.73 -25.69 10.91
C THR A 193 19.61 -24.64 10.94
N LYS A 194 19.06 -24.30 9.77
CA LYS A 194 17.97 -23.32 9.70
C LYS A 194 16.63 -24.01 9.58
N LEU A 195 15.65 -23.45 10.29
CA LEU A 195 14.30 -23.97 10.27
C LEU A 195 13.32 -22.86 9.91
N CYS A 196 12.48 -23.10 8.90
CA CYS A 196 11.47 -22.13 8.50
C CYS A 196 10.08 -22.65 8.86
N ILE A 197 9.33 -21.85 9.60
CA ILE A 197 7.98 -22.23 9.98
C ILE A 197 7.05 -21.44 9.07
N ALA A 198 6.13 -22.12 8.42
CA ALA A 198 5.19 -21.44 7.53
C ALA A 198 3.75 -21.85 7.85
N ALA A 199 3.05 -20.99 8.59
CA ALA A 199 1.67 -21.24 9.00
C ALA A 199 0.67 -20.31 8.29
N ASN A 200 -0.52 -20.83 8.02
CA ASN A 200 -1.58 -20.07 7.35
C ASN A 200 -1.13 -19.41 6.07
N ILE A 201 -0.44 -20.16 5.22
CA ILE A 201 0.04 -19.63 3.95
C ILE A 201 -1.15 -19.18 3.10
N THR A 202 -1.06 -17.93 2.62
CA THR A 202 -2.09 -17.27 1.79
C THR A 202 -3.35 -16.84 2.57
N CYS A 203 -3.46 -17.22 3.84
CA CYS A 203 -4.63 -16.86 4.65
C CYS A 203 -4.51 -15.54 5.42
N GLU A 204 -3.42 -14.82 5.18
CA GLU A 204 -3.15 -13.54 5.84
C GLU A 204 -3.10 -13.50 7.36
N GLY A 205 -3.29 -14.66 7.99
CA GLY A 205 -3.14 -14.76 9.43
C GLY A 205 -1.72 -15.31 9.36
N GLU A 206 -1.30 -15.48 8.11
CA GLU A 206 -0.01 -15.98 7.67
C GLU A 206 1.18 -15.65 8.53
N PHE A 207 2.08 -16.61 8.63
CA PHE A 207 3.30 -16.48 9.39
C PHE A 207 4.33 -17.33 8.65
N ILE A 208 5.39 -16.70 8.17
CA ILE A 208 6.44 -17.42 7.46
C ILE A 208 7.74 -16.70 7.74
N GLN A 209 8.50 -17.29 8.65
CA GLN A 209 9.74 -16.71 9.10
C GLN A 209 10.80 -17.79 9.16
N THR A 210 12.03 -17.43 8.76
CA THR A 210 13.14 -18.37 8.78
C THR A 210 14.04 -18.00 9.95
N ARG A 211 14.63 -19.00 10.56
CA ARG A 211 15.48 -18.74 11.70
C ARG A 211 16.16 -20.02 12.15
N THR A 212 17.40 -19.88 12.60
CA THR A 212 18.20 -21.00 13.06
C THR A 212 17.56 -21.69 14.28
N VAL A 213 17.85 -22.98 14.45
CA VAL A 213 17.29 -23.74 15.59
C VAL A 213 17.66 -23.10 16.93
N LYS A 214 18.88 -22.60 17.03
CA LYS A 214 19.36 -21.94 18.24
C LYS A 214 18.50 -20.73 18.56
N ASP A 215 18.19 -19.94 17.53
CA ASP A 215 17.38 -18.73 17.72
C ASP A 215 15.88 -18.98 17.80
N TRP A 216 15.45 -20.22 17.54
CA TRP A 216 14.03 -20.54 17.64
C TRP A 216 13.69 -20.85 19.10
N LYS A 217 14.68 -21.41 19.82
CA LYS A 217 14.50 -21.77 21.22
C LYS A 217 13.58 -20.77 21.91
N GLY A 218 14.00 -19.52 21.91
CA GLY A 218 13.17 -18.49 22.51
C GLY A 218 12.20 -18.03 21.45
N HIS A 219 11.01 -17.63 21.86
CA HIS A 219 10.02 -17.15 20.90
C HIS A 219 9.50 -18.22 19.93
N ILE A 220 8.60 -19.07 20.43
CA ILE A 220 7.96 -20.10 19.63
C ILE A 220 6.49 -19.69 19.51
N PRO A 221 6.01 -19.45 18.28
CA PRO A 221 4.62 -19.04 18.05
C PRO A 221 3.57 -20.10 18.35
N LYS A 225 -4.25 -25.55 17.87
CA LYS A 225 -3.67 -24.51 17.06
C LYS A 225 -4.22 -24.58 15.63
N ILE A 226 -3.34 -24.50 14.63
CA ILE A 226 -3.72 -24.54 13.21
C ILE A 226 -2.50 -24.89 12.34
N PRO A 227 -2.69 -25.70 11.28
CA PRO A 227 -1.69 -26.19 10.32
C PRO A 227 -0.64 -25.29 9.65
N CYS A 228 0.54 -25.88 9.43
CA CYS A 228 1.69 -25.20 8.81
C CYS A 228 2.69 -26.20 8.21
N ILE A 229 3.72 -25.70 7.53
CA ILE A 229 4.74 -26.56 6.93
C ILE A 229 6.10 -26.22 7.52
N PHE A 230 7.02 -27.18 7.50
CA PHE A 230 8.36 -26.93 8.03
C PHE A 230 9.45 -27.16 6.99
N LEU A 231 10.45 -26.28 7.00
CA LEU A 231 11.57 -26.40 6.07
C LEU A 231 12.92 -26.32 6.77
N LEU A 232 13.78 -27.29 6.51
CA LEU A 232 15.12 -27.35 7.09
C LEU A 232 16.19 -27.09 6.03
N TYR A 233 17.09 -26.15 6.30
CA TYR A 233 18.17 -25.85 5.37
C TYR A 233 19.42 -25.44 6.13
N LYS A 234 20.52 -25.15 5.43
CA LYS A 234 21.80 -24.87 6.09
C LYS A 234 22.26 -23.57 6.78
N GLU B 2 -13.18 47.68 -0.18
CA GLU B 2 -13.50 47.70 1.27
C GLU B 2 -14.98 47.37 1.54
N THR B 3 -15.82 47.53 0.52
CA THR B 3 -17.23 47.19 0.67
C THR B 3 -17.34 45.70 0.30
N ALA B 4 -17.29 44.85 1.32
CA ALA B 4 -17.32 43.41 1.15
C ALA B 4 -17.64 42.67 2.45
N LEU B 5 -17.73 41.34 2.38
CA LEU B 5 -17.97 40.54 3.57
C LEU B 5 -16.63 40.00 4.08
N TYR B 6 -16.17 40.50 5.22
CA TYR B 6 -14.90 40.05 5.79
C TYR B 6 -15.03 38.84 6.73
N LEU B 7 -14.17 37.84 6.50
CA LEU B 7 -14.15 36.62 7.34
C LEU B 7 -13.03 36.94 8.29
N LEU B 8 -13.42 37.21 9.54
CA LEU B 8 -12.47 37.59 10.57
C LEU B 8 -12.24 36.45 11.54
N PRO B 9 -11.08 35.77 11.43
CA PRO B 9 -10.77 34.65 12.33
C PRO B 9 -10.59 35.07 13.78
N VAL B 10 -10.52 34.10 14.67
CA VAL B 10 -10.30 34.38 16.09
C VAL B 10 -9.11 33.57 16.58
N THR B 11 -8.86 33.61 17.88
CA THR B 11 -7.75 32.87 18.44
C THR B 11 -8.15 31.40 18.52
N LEU B 12 -7.15 30.53 18.46
CA LEU B 12 -7.41 29.09 18.52
C LEU B 12 -7.67 28.72 19.96
N GLY B 13 -7.14 29.54 20.87
CA GLY B 13 -7.30 29.32 22.29
C GLY B 13 -6.99 30.61 23.03
N ASP B 14 -6.67 30.52 24.32
CA ASP B 14 -6.35 31.74 25.05
C ASP B 14 -4.95 32.17 24.68
N THR B 15 -4.87 33.19 23.85
CA THR B 15 -3.59 33.71 23.42
C THR B 15 -3.70 35.19 23.16
N PRO B 16 -2.62 35.94 23.45
CA PRO B 16 -2.71 37.39 23.19
C PRO B 16 -2.93 37.50 21.68
N LEU B 17 -3.78 38.43 21.26
CA LEU B 17 -4.09 38.57 19.84
C LEU B 17 -2.95 38.80 18.83
N GLU B 18 -1.94 39.58 19.19
CA GLU B 18 -0.86 39.85 18.25
C GLU B 18 0.05 38.65 18.03
N GLN B 19 -0.26 37.55 18.69
CA GLN B 19 0.54 36.35 18.56
C GLN B 19 0.10 35.54 17.33
N VAL B 20 -1.19 35.63 17.01
CA VAL B 20 -1.75 34.88 15.91
C VAL B 20 -2.59 35.69 14.91
N LEU B 21 -2.85 36.95 15.21
CA LEU B 21 -3.62 37.79 14.29
C LEU B 21 -2.78 38.94 13.74
N PRO B 22 -2.83 39.15 12.42
CA PRO B 22 -2.06 40.24 11.84
C PRO B 22 -2.73 41.55 12.27
N SER B 23 -1.93 42.54 12.62
CA SER B 23 -2.50 43.83 13.05
C SER B 23 -3.46 44.38 11.98
N TYR B 24 -3.23 44.00 10.72
CA TYR B 24 -4.08 44.46 9.63
C TYR B 24 -5.55 44.12 9.88
N ASN B 25 -5.78 43.03 10.59
CA ASN B 25 -7.14 42.62 10.91
C ASN B 25 -7.75 43.65 11.87
N THR B 26 -6.93 44.21 12.75
CA THR B 26 -7.44 45.21 13.68
C THR B 26 -7.94 46.42 12.90
N GLU B 27 -7.15 46.85 11.93
CA GLU B 27 -7.49 48.01 11.10
C GLU B 27 -8.81 47.90 10.35
N ILE B 28 -9.10 46.78 9.68
CA ILE B 28 -10.37 46.71 8.96
C ILE B 28 -11.58 46.54 9.89
N ILE B 29 -11.39 45.87 11.01
CA ILE B 29 -12.49 45.68 11.95
C ILE B 29 -12.95 47.04 12.46
N ARG B 30 -12.04 48.01 12.46
CA ARG B 30 -12.36 49.36 12.90
C ARG B 30 -13.37 49.95 11.92
N GLY B 31 -13.23 49.60 10.64
CA GLY B 31 -14.15 50.13 9.64
C GLY B 31 -15.39 49.30 9.42
N ILE B 32 -15.78 48.51 10.42
CA ILE B 32 -16.96 47.66 10.30
C ILE B 32 -17.92 47.86 11.47
N ARG B 33 -19.21 48.05 11.17
CA ARG B 33 -20.20 48.25 12.20
C ARG B 33 -21.30 47.20 12.18
N HIS B 34 -21.22 46.27 11.24
CA HIS B 34 -22.21 45.20 11.13
C HIS B 34 -21.50 43.87 11.14
N PHE B 35 -21.77 43.06 12.17
CA PHE B 35 -21.15 41.76 12.29
C PHE B 35 -22.14 40.61 12.34
N ILE B 36 -21.79 39.54 11.63
CA ILE B 36 -22.56 38.31 11.58
C ILE B 36 -21.78 37.40 12.49
N VAL B 37 -22.32 37.14 13.67
CA VAL B 37 -21.65 36.31 14.67
C VAL B 37 -22.44 35.09 15.11
N GLU B 38 -21.72 34.07 15.55
CA GLU B 38 -22.35 32.85 15.99
C GLU B 38 -22.90 33.04 17.40
N ASP B 39 -22.13 33.71 18.25
CA ASP B 39 -22.49 33.97 19.63
C ASP B 39 -22.19 35.42 19.93
N VAL B 40 -23.23 36.24 20.09
CA VAL B 40 -23.03 37.66 20.34
C VAL B 40 -22.19 38.00 21.57
N ARG B 41 -22.28 37.20 22.61
CA ARG B 41 -21.53 37.46 23.83
C ARG B 41 -20.04 37.46 23.57
N SER B 42 -19.54 36.34 23.06
CA SER B 42 -18.11 36.17 22.80
C SER B 42 -17.53 37.11 21.75
N ALA B 43 -18.30 37.45 20.73
CA ALA B 43 -17.83 38.34 19.68
C ALA B 43 -17.60 39.73 20.27
N ARG B 44 -18.51 40.09 21.18
CA ARG B 44 -18.51 41.37 21.87
C ARG B 44 -17.22 41.57 22.66
N ARG B 45 -16.82 40.54 23.40
CA ARG B 45 -15.59 40.64 24.17
C ARG B 45 -14.38 40.53 23.25
N PHE B 46 -14.57 39.87 22.11
CA PHE B 46 -13.49 39.74 21.13
C PHE B 46 -13.16 41.11 20.54
N LEU B 47 -14.17 41.77 19.99
CA LEU B 47 -13.98 43.09 19.41
C LEU B 47 -13.41 44.03 20.48
N LYS B 48 -13.78 43.75 21.73
CA LYS B 48 -13.30 44.57 22.84
C LYS B 48 -11.80 44.36 23.05
N LYS B 49 -11.29 43.23 22.59
CA LYS B 49 -9.87 42.93 22.77
C LYS B 49 -9.04 43.34 21.54
N VAL B 50 -9.67 43.42 20.38
CA VAL B 50 -8.96 43.82 19.17
C VAL B 50 -8.68 45.32 19.27
N ASP B 51 -9.61 46.03 19.91
CA ASP B 51 -9.49 47.47 20.12
C ASP B 51 -10.55 47.93 21.10
N ARG B 52 -10.11 48.44 22.25
CA ARG B 52 -11.00 48.92 23.30
C ARG B 52 -11.70 50.24 22.95
N GLU B 53 -11.12 50.99 22.02
CA GLU B 53 -11.67 52.28 21.63
C GLU B 53 -13.03 52.12 20.94
N ILE B 54 -13.23 50.97 20.28
CA ILE B 54 -14.48 50.69 19.58
C ILE B 54 -15.68 50.72 20.53
N ASP B 55 -16.76 51.38 20.09
CA ASP B 55 -17.98 51.44 20.88
C ASP B 55 -18.88 50.27 20.53
N ILE B 56 -18.66 49.14 21.16
CA ILE B 56 -19.43 47.94 20.87
C ILE B 56 -20.96 48.12 20.93
N ASP B 57 -21.43 49.23 21.49
CA ASP B 57 -22.87 49.47 21.55
C ASP B 57 -23.31 50.16 20.25
N SER B 58 -22.34 50.53 19.43
CA SER B 58 -22.60 51.21 18.17
C SER B 58 -22.68 50.30 16.94
N LEU B 59 -22.34 49.02 17.09
CA LEU B 59 -22.44 48.14 15.93
C LEU B 59 -23.60 47.15 16.04
N THR B 60 -24.08 46.72 14.89
CA THR B 60 -25.18 45.79 14.79
C THR B 60 -24.67 44.38 14.77
N PHE B 61 -25.34 43.48 15.49
CA PHE B 61 -24.94 42.08 15.53
C PHE B 61 -26.06 41.22 14.96
N TYR B 62 -25.69 40.27 14.10
CA TYR B 62 -26.65 39.36 13.47
C TYR B 62 -26.29 37.93 13.84
N PRO B 63 -27.04 37.32 14.77
CA PRO B 63 -26.83 35.94 15.23
C PRO B 63 -27.28 34.89 14.24
N LEU B 64 -26.57 33.77 14.19
CA LEU B 64 -26.96 32.70 13.28
C LEU B 64 -26.79 31.30 13.90
N ASN B 65 -27.66 30.38 13.48
CA ASN B 65 -27.63 28.99 13.96
C ASN B 65 -27.07 28.06 12.89
N LYS B 66 -26.84 26.81 13.27
CA LYS B 66 -26.29 25.81 12.36
C LYS B 66 -27.04 25.74 11.02
N HIS B 67 -28.36 25.87 11.07
CA HIS B 67 -29.19 25.82 9.88
C HIS B 67 -30.40 26.77 9.94
N THR B 68 -30.18 28.02 10.33
CA THR B 68 -31.27 29.00 10.41
C THR B 68 -31.64 29.47 9.01
N SER B 69 -32.94 29.66 8.76
CA SER B 69 -33.42 30.06 7.43
C SER B 69 -32.50 31.02 6.69
N PRO B 70 -32.26 30.75 5.40
CA PRO B 70 -31.39 31.58 4.56
C PRO B 70 -32.04 32.94 4.30
N GLU B 71 -33.33 33.05 4.60
CA GLU B 71 -34.04 34.30 4.40
C GLU B 71 -33.60 35.32 5.44
N ASP B 72 -33.07 34.82 6.55
CA ASP B 72 -32.56 35.69 7.61
C ASP B 72 -31.15 36.10 7.21
N ILE B 73 -30.33 35.11 6.85
CA ILE B 73 -28.96 35.36 6.44
C ILE B 73 -28.92 36.34 5.25
N SER B 74 -29.86 36.22 4.33
CA SER B 74 -29.87 37.13 3.19
C SER B 74 -30.22 38.53 3.71
N GLY B 75 -31.12 38.58 4.69
CA GLY B 75 -31.50 39.86 5.27
C GLY B 75 -30.30 40.46 5.98
N TYR B 76 -29.55 39.65 6.71
CA TYR B 76 -28.37 40.11 7.43
C TYR B 76 -27.37 40.73 6.46
N LEU B 77 -27.37 40.23 5.22
CA LEU B 77 -26.49 40.69 4.15
C LEU B 77 -26.96 41.95 3.42
N LYS B 78 -28.14 42.45 3.78
CA LYS B 78 -28.68 43.64 3.11
C LYS B 78 -27.80 44.89 3.19
N PRO B 79 -27.14 45.14 4.35
CA PRO B 79 -26.28 46.30 4.49
C PRO B 79 -25.12 46.21 3.51
N LEU B 80 -24.57 45.01 3.37
CA LEU B 80 -23.46 44.77 2.47
C LEU B 80 -23.97 45.05 1.07
N ALA B 81 -25.21 44.66 0.83
CA ALA B 81 -25.85 44.90 -0.45
C ALA B 81 -26.40 46.32 -0.36
N GLY B 82 -25.50 47.27 -0.09
CA GLY B 82 -25.88 48.67 0.03
C GLY B 82 -24.63 49.54 0.16
N GLY B 83 -23.48 48.89 0.31
CA GLY B 83 -22.24 49.63 0.42
C GLY B 83 -21.43 49.48 1.70
N ALA B 84 -22.05 49.03 2.78
CA ALA B 84 -21.32 48.90 4.05
C ALA B 84 -20.39 47.68 4.10
N SER B 85 -19.45 47.73 5.03
CA SER B 85 -18.50 46.65 5.23
C SER B 85 -19.06 45.78 6.34
N MSE B 86 -19.11 44.47 6.11
CA MSE B 86 -19.62 43.57 7.12
C MSE B 86 -18.53 42.59 7.51
O MSE B 86 -17.48 42.51 6.85
CB MSE B 86 -20.85 42.79 6.60
CG MSE B 86 -22.07 43.65 6.28
SE MSE B 86 -23.73 42.62 6.07
CE MSE B 86 -23.95 42.12 7.94
N GLY B 87 -18.76 41.85 8.59
CA GLY B 87 -17.80 40.88 9.05
C GLY B 87 -18.46 39.63 9.61
N VAL B 88 -17.72 38.53 9.62
CA VAL B 88 -18.20 37.29 10.18
C VAL B 88 -17.15 36.89 11.21
N ILE B 89 -17.62 36.36 12.35
CA ILE B 89 -16.73 35.92 13.43
C ILE B 89 -17.15 34.51 13.82
N SER B 90 -16.39 33.51 13.38
CA SER B 90 -16.68 32.10 13.66
C SER B 90 -15.52 31.31 14.28
N GLU B 91 -15.81 30.08 14.69
CA GLU B 91 -14.80 29.22 15.29
C GLU B 91 -14.19 29.82 16.55
N ASP B 99 -18.67 26.72 11.03
CA ASP B 99 -19.83 25.90 10.71
C ASP B 99 -21.02 26.72 10.19
N PRO B 100 -21.37 27.81 10.88
CA PRO B 100 -22.49 28.63 10.42
C PRO B 100 -22.05 29.69 9.41
N GLY B 101 -20.81 30.15 9.54
CA GLY B 101 -20.29 31.15 8.61
C GLY B 101 -20.27 30.68 7.17
N ALA B 102 -19.93 29.41 6.97
CA ALA B 102 -19.87 28.80 5.64
C ALA B 102 -21.11 29.09 4.81
N ASP B 103 -22.26 28.78 5.39
CA ASP B 103 -23.54 28.99 4.73
C ASP B 103 -23.81 30.47 4.46
N VAL B 104 -23.37 31.34 5.36
CA VAL B 104 -23.54 32.78 5.20
C VAL B 104 -22.68 33.22 4.01
N VAL B 105 -21.46 32.69 3.95
CA VAL B 105 -20.56 32.99 2.86
C VAL B 105 -21.15 32.43 1.57
N ALA B 106 -21.85 31.31 1.69
CA ALA B 106 -22.47 30.67 0.52
C ALA B 106 -23.64 31.45 -0.04
N ILE B 107 -24.39 32.11 0.85
CA ILE B 107 -25.53 32.90 0.42
C ILE B 107 -25.04 34.15 -0.30
N ALA B 108 -23.94 34.70 0.22
CA ALA B 108 -23.32 35.90 -0.31
C ALA B 108 -22.73 35.62 -1.71
N GLN B 109 -22.03 34.50 -1.83
CA GLN B 109 -21.48 34.15 -3.10
C GLN B 109 -22.64 33.99 -4.08
N ARG B 110 -23.74 33.44 -3.58
CA ARG B 110 -24.93 33.23 -4.39
C ARG B 110 -25.51 34.56 -4.86
N GLN B 111 -25.29 35.61 -4.09
CA GLN B 111 -25.81 36.91 -4.45
C GLN B 111 -24.70 37.78 -5.02
N LYS B 112 -23.60 37.12 -5.37
CA LYS B 112 -22.42 37.75 -5.96
C LYS B 112 -21.83 38.90 -5.16
N LEU B 113 -21.86 38.78 -3.84
CA LEU B 113 -21.29 39.80 -2.97
C LEU B 113 -19.80 39.48 -2.81
N LYS B 114 -18.98 40.51 -2.68
CA LYS B 114 -17.54 40.33 -2.52
C LYS B 114 -17.22 39.77 -1.14
N VAL B 115 -16.46 38.69 -1.09
CA VAL B 115 -16.09 38.06 0.16
C VAL B 115 -14.57 38.06 0.23
N ILE B 116 -14.01 38.64 1.28
CA ILE B 116 -12.57 38.65 1.43
C ILE B 116 -12.16 38.05 2.76
N PRO B 117 -11.32 36.99 2.72
CA PRO B 117 -10.87 36.31 3.93
C PRO B 117 -9.55 36.88 4.50
N LEU B 118 -9.50 37.06 5.81
CA LEU B 118 -8.28 37.57 6.45
C LEU B 118 -7.48 36.42 7.07
N VAL B 119 -6.21 36.66 7.36
CA VAL B 119 -5.37 35.62 7.93
C VAL B 119 -5.57 35.36 9.40
N GLY B 120 -5.66 34.09 9.76
CA GLY B 120 -5.81 33.73 11.14
C GLY B 120 -5.19 32.38 11.43
N PRO B 121 -5.09 31.99 12.70
CA PRO B 121 -4.50 30.69 13.01
C PRO B 121 -5.39 29.55 12.53
N SER B 122 -4.78 28.56 11.89
CA SER B 122 -5.51 27.39 11.44
C SER B 122 -4.85 26.15 12.03
N SER B 123 -5.57 25.50 12.95
CA SER B 123 -5.06 24.30 13.59
C SER B 123 -4.66 23.29 12.52
N ILE B 124 -5.39 23.27 11.41
CA ILE B 124 -5.07 22.35 10.33
C ILE B 124 -3.75 22.58 9.58
N ILE B 125 -3.52 23.77 9.05
CA ILE B 125 -2.27 24.00 8.32
C ILE B 125 -1.09 24.10 9.29
N LEU B 126 -1.36 24.53 10.52
CA LEU B 126 -0.32 24.62 11.53
C LEU B 126 0.17 23.22 11.88
N SER B 127 -0.72 22.23 11.84
CA SER B 127 -0.31 20.89 12.19
C SER B 127 0.37 20.22 10.99
N VAL B 128 -0.12 20.50 9.80
CA VAL B 128 0.50 19.93 8.62
C VAL B 128 1.95 20.42 8.63
N MSE B 129 2.13 21.70 8.94
CA MSE B 129 3.45 22.28 9.00
C MSE B 129 4.40 21.62 10.01
O MSE B 129 5.52 21.20 9.66
CB MSE B 129 3.37 23.75 9.32
CG MSE B 129 2.88 24.64 8.19
SE MSE B 129 2.50 26.41 8.87
CE MSE B 129 4.25 26.86 9.58
N ALA B 130 3.95 21.52 11.25
CA ALA B 130 4.81 20.96 12.29
C ALA B 130 4.99 19.44 12.31
N SER B 131 4.16 18.71 11.57
CA SER B 131 4.26 17.26 11.56
C SER B 131 5.39 16.73 10.68
N GLY B 132 5.85 17.55 9.75
CA GLY B 132 6.91 17.12 8.86
C GLY B 132 6.35 16.31 7.70
N PHE B 133 5.05 16.36 7.50
CA PHE B 133 4.46 15.62 6.41
C PHE B 133 4.33 16.47 5.16
N ASN B 134 3.61 15.94 4.19
CA ASN B 134 3.42 16.63 2.92
C ASN B 134 2.30 17.67 2.92
N GLY B 135 2.68 18.94 2.81
CA GLY B 135 1.71 20.02 2.81
C GLY B 135 1.23 20.30 1.40
N GLN B 136 1.94 19.74 0.42
CA GLN B 136 1.61 19.92 -0.99
C GLN B 136 0.42 19.05 -1.37
N SER B 137 0.02 18.17 -0.47
CA SER B 137 -1.12 17.29 -0.73
C SER B 137 -1.68 16.73 0.57
N PHE B 138 -2.90 17.11 0.93
CA PHE B 138 -3.50 16.63 2.17
C PHE B 138 -5.03 16.72 2.22
N ALA B 139 -5.61 15.84 3.01
CA ALA B 139 -7.06 15.79 3.18
C ALA B 139 -7.50 15.77 4.64
N PHE B 140 -8.37 16.71 5.00
CA PHE B 140 -8.91 16.78 6.36
C PHE B 140 -10.31 16.14 6.30
N HIS B 141 -10.55 15.16 7.15
CA HIS B 141 -11.83 14.46 7.13
C HIS B 141 -12.75 14.75 8.29
N GLY B 142 -12.42 15.76 9.10
CA GLY B 142 -13.24 16.05 10.26
C GLY B 142 -13.23 14.81 11.15
N TYR B 143 -14.39 14.44 11.68
CA TYR B 143 -14.47 13.24 12.52
C TYR B 143 -14.66 12.03 11.61
N LEU B 144 -14.11 10.89 12.02
CA LEU B 144 -14.24 9.64 11.24
C LEU B 144 -15.52 8.94 11.72
N PRO B 145 -16.03 7.97 10.94
CA PRO B 145 -17.25 7.20 11.23
C PRO B 145 -17.42 6.73 12.66
N ILE B 146 -18.67 6.78 13.12
CA ILE B 146 -19.04 6.37 14.47
C ILE B 146 -18.91 4.85 14.69
N GLU B 147 -19.75 4.06 14.02
CA GLU B 147 -19.72 2.61 14.17
C GLU B 147 -18.34 1.98 13.93
N PRO B 148 -17.91 1.11 14.85
CA PRO B 148 -16.62 0.43 14.74
C PRO B 148 -16.66 -0.42 13.47
N GLY B 149 -15.70 -0.20 12.58
CA GLY B 149 -15.69 -0.95 11.33
C GLY B 149 -15.70 0.03 10.18
N GLU B 150 -16.76 0.84 10.10
CA GLU B 150 -16.81 1.84 9.05
C GLU B 150 -15.57 2.69 9.32
N ARG B 151 -15.34 2.93 10.61
CA ARG B 151 -14.20 3.70 11.06
C ARG B 151 -12.92 2.89 10.80
N ALA B 152 -13.00 1.58 10.97
CA ALA B 152 -11.85 0.72 10.75
C ALA B 152 -11.44 0.78 9.28
N LYS B 153 -12.41 0.59 8.40
CA LYS B 153 -12.15 0.64 6.97
C LYS B 153 -11.79 2.04 6.49
N LYS B 154 -12.20 3.05 7.25
CA LYS B 154 -11.91 4.43 6.89
C LYS B 154 -10.39 4.60 7.02
N LEU B 155 -9.87 4.18 8.16
CA LEU B 155 -8.44 4.29 8.41
C LEU B 155 -7.64 3.60 7.32
N LYS B 156 -8.00 2.35 7.02
CA LYS B 156 -7.30 1.57 5.99
C LYS B 156 -7.35 2.30 4.64
N THR B 157 -8.52 2.80 4.30
CA THR B 157 -8.70 3.53 3.05
C THR B 157 -7.75 4.73 3.07
N LEU B 158 -7.93 5.59 4.06
CA LEU B 158 -7.09 6.78 4.21
C LEU B 158 -5.62 6.39 4.10
N GLU B 159 -5.22 5.32 4.77
CA GLU B 159 -3.84 4.91 4.70
C GLU B 159 -3.51 4.45 3.28
N GLN B 160 -4.48 3.84 2.61
CA GLN B 160 -4.28 3.40 1.23
C GLN B 160 -3.95 4.65 0.40
N ARG B 161 -4.62 5.76 0.71
CA ARG B 161 -4.39 7.01 0.00
C ARG B 161 -3.01 7.61 0.32
N VAL B 162 -2.53 7.40 1.53
CA VAL B 162 -1.22 7.96 1.86
C VAL B 162 -0.17 7.41 0.93
N TYR B 163 -0.01 6.09 0.89
CA TYR B 163 1.00 5.45 0.05
C TYR B 163 0.73 5.52 -1.45
N ALA B 164 -0.54 5.40 -1.84
CA ALA B 164 -0.90 5.44 -3.24
C ALA B 164 -0.79 6.84 -3.82
N GLU B 165 -1.42 7.80 -3.13
CA GLU B 165 -1.46 9.19 -3.58
C GLU B 165 -0.53 10.19 -2.91
N SER B 166 0.42 9.71 -2.10
CA SER B 166 1.35 10.61 -1.42
C SER B 166 0.62 11.79 -0.78
N GLN B 167 -0.52 11.51 -0.18
CA GLN B 167 -1.31 12.56 0.42
C GLN B 167 -1.52 12.38 1.91
N THR B 168 -1.23 13.44 2.66
CA THR B 168 -1.39 13.39 4.11
C THR B 168 -2.89 13.26 4.42
N GLN B 169 -3.22 12.46 5.43
CA GLN B 169 -4.61 12.26 5.84
C GLN B 169 -4.81 12.79 7.26
N LEU B 170 -5.67 13.79 7.41
CA LEU B 170 -5.90 14.38 8.73
C LEU B 170 -7.34 14.22 9.20
N PHE B 171 -7.52 14.21 10.51
CA PHE B 171 -8.84 14.10 11.09
C PHE B 171 -8.76 14.43 12.56
N ILE B 172 -9.90 14.55 13.22
CA ILE B 172 -9.90 14.87 14.64
C ILE B 172 -10.66 13.88 15.49
N GLU B 173 -10.71 14.17 16.79
CA GLU B 173 -11.38 13.31 17.74
C GLU B 173 -11.69 14.07 19.03
N THR B 174 -12.81 13.74 19.65
CA THR B 174 -13.23 14.37 20.90
C THR B 174 -12.23 14.04 22.00
N PRO B 175 -12.05 14.96 22.96
CA PRO B 175 -11.14 14.86 24.11
C PRO B 175 -11.09 13.52 24.82
N TYR B 176 -12.22 13.03 25.31
CA TYR B 176 -12.26 11.76 26.02
C TYR B 176 -12.45 10.56 25.11
N ARG B 177 -11.67 10.54 24.02
CA ARG B 177 -11.71 9.46 23.03
C ARG B 177 -10.46 9.46 22.15
N ASN B 178 -9.47 10.24 22.57
CA ASN B 178 -8.21 10.33 21.83
C ASN B 178 -7.38 9.04 21.98
N HIS B 179 -7.22 8.57 23.21
CA HIS B 179 -6.46 7.36 23.44
C HIS B 179 -7.10 6.14 22.80
N LYS B 180 -8.41 6.18 22.62
CA LYS B 180 -9.12 5.07 21.98
C LYS B 180 -8.78 5.11 20.49
N MSE B 181 -8.68 6.33 19.95
CA MSE B 181 -8.36 6.51 18.53
C MSE B 181 -6.99 5.94 18.20
O MSE B 181 -6.83 5.17 17.24
CB MSE B 181 -8.39 8.01 18.18
CG MSE B 181 -8.07 8.34 16.71
SE MSE B 181 -9.27 7.53 15.43
CE MSE B 181 -7.99 6.80 14.21
N ILE B 182 -5.97 6.30 18.99
CA ILE B 182 -4.65 5.78 18.72
C ILE B 182 -4.66 4.26 18.82
N GLU B 183 -5.53 3.73 19.68
CA GLU B 183 -5.66 2.29 19.85
C GLU B 183 -6.18 1.73 18.52
N ASP B 184 -7.13 2.45 17.91
CA ASP B 184 -7.72 2.05 16.63
C ASP B 184 -6.70 2.22 15.51
N ILE B 185 -5.81 3.20 15.66
CA ILE B 185 -4.78 3.45 14.67
C ILE B 185 -3.75 2.33 14.65
N LEU B 186 -3.05 2.11 15.76
CA LEU B 186 -2.05 1.06 15.82
C LEU B 186 -2.63 -0.33 15.57
N GLN B 187 -3.96 -0.44 15.53
CA GLN B 187 -4.59 -1.73 15.28
C GLN B 187 -4.94 -1.97 13.81
N ASN B 188 -5.41 -0.92 13.14
CA ASN B 188 -5.79 -1.04 11.73
C ASN B 188 -4.74 -0.47 10.78
N CYS B 189 -3.64 0.05 11.31
CA CYS B 189 -2.63 0.63 10.43
C CYS B 189 -1.28 -0.04 10.39
N ARG B 190 -0.55 0.20 9.30
CA ARG B 190 0.77 -0.36 9.12
C ARG B 190 1.63 0.05 10.33
N PRO B 191 2.44 -0.87 10.85
CA PRO B 191 3.29 -0.54 12.00
C PRO B 191 4.29 0.57 11.66
N GLN B 192 4.77 0.57 10.42
CA GLN B 192 5.75 1.54 9.97
C GLN B 192 5.19 2.88 9.49
N THR B 193 3.86 3.00 9.41
CA THR B 193 3.28 4.27 8.96
C THR B 193 3.59 5.31 10.01
N LYS B 194 3.65 6.58 9.59
CA LYS B 194 3.94 7.66 10.52
C LYS B 194 2.71 8.48 10.91
N LEU B 195 2.59 8.71 12.21
CA LEU B 195 1.47 9.45 12.76
C LEU B 195 1.91 10.67 13.55
N CYS B 196 1.16 11.76 13.42
CA CYS B 196 1.47 12.95 14.17
C CYS B 196 0.23 13.36 14.96
N ILE B 197 0.42 13.76 16.20
CA ILE B 197 -0.70 14.21 17.02
C ILE B 197 -0.46 15.65 17.41
N ALA B 198 -1.44 16.51 17.18
CA ALA B 198 -1.36 17.94 17.52
C ALA B 198 -2.48 18.31 18.52
N ALA B 199 -2.12 18.88 19.67
CA ALA B 199 -3.09 19.22 20.72
C ALA B 199 -3.44 20.71 20.96
N ASN B 200 -2.79 21.34 21.94
CA ASN B 200 -3.07 22.74 22.26
C ASN B 200 -2.30 23.63 21.32
N ILE B 201 -2.64 23.56 20.03
CA ILE B 201 -1.99 24.33 19.00
C ILE B 201 -2.05 25.83 19.23
N THR B 202 -0.90 26.47 19.13
CA THR B 202 -0.80 27.92 19.32
C THR B 202 -0.85 28.35 20.79
N CYS B 203 -1.47 27.53 21.63
CA CYS B 203 -1.60 27.85 23.06
C CYS B 203 -0.43 27.34 23.86
N GLU B 204 -0.43 27.64 25.16
CA GLU B 204 0.63 27.16 26.03
C GLU B 204 0.25 25.69 26.24
N GLY B 205 1.24 24.81 26.10
CA GLY B 205 0.97 23.39 26.26
C GLY B 205 0.86 22.74 24.90
N GLU B 206 1.29 23.49 23.88
CA GLU B 206 1.27 23.03 22.50
C GLU B 206 2.08 21.74 22.41
N PHE B 207 1.44 20.71 21.86
CA PHE B 207 2.05 19.41 21.70
C PHE B 207 1.87 19.00 20.23
N ILE B 208 2.96 18.98 19.47
CA ILE B 208 2.93 18.57 18.06
C ILE B 208 4.11 17.62 17.92
N GLN B 209 3.82 16.33 17.80
CA GLN B 209 4.91 15.38 17.69
C GLN B 209 4.62 14.26 16.69
N THR B 210 5.63 13.93 15.87
CA THR B 210 5.46 12.85 14.90
C THR B 210 6.19 11.57 15.28
N ARG B 211 5.45 10.47 15.33
CA ARG B 211 6.06 9.18 15.66
C ARG B 211 5.62 8.12 14.66
N THR B 212 6.37 7.02 14.64
CA THR B 212 6.04 5.87 13.81
C THR B 212 4.89 5.29 14.60
N VAL B 213 3.79 4.90 13.93
CA VAL B 213 2.61 4.34 14.60
C VAL B 213 3.03 3.41 15.74
N LYS B 214 3.99 2.56 15.40
CA LYS B 214 4.59 1.57 16.29
C LYS B 214 5.04 2.23 17.61
N ASP B 215 5.77 3.33 17.51
CA ASP B 215 6.26 4.02 18.71
C ASP B 215 5.20 4.69 19.59
N TRP B 216 3.93 4.58 19.22
CA TRP B 216 2.87 5.19 20.02
C TRP B 216 2.24 4.17 20.96
N LYS B 217 2.76 2.93 20.91
CA LYS B 217 2.28 1.83 21.75
C LYS B 217 2.38 2.20 23.23
N GLY B 218 3.22 3.18 23.55
CA GLY B 218 3.38 3.59 24.93
C GLY B 218 4.27 4.81 25.12
N HIS B 219 4.39 5.28 26.36
CA HIS B 219 5.20 6.45 26.67
C HIS B 219 4.59 7.66 25.98
N ILE B 220 3.28 7.58 25.77
CA ILE B 220 2.52 8.63 25.14
C ILE B 220 2.05 9.54 26.27
N PRO B 221 1.82 10.83 25.99
CA PRO B 221 1.36 11.72 27.06
C PRO B 221 -0.14 11.58 27.28
N GLU B 222 -0.68 12.23 28.30
CA GLU B 222 -2.10 12.16 28.59
C GLU B 222 -2.93 12.60 27.38
N LEU B 223 -2.99 13.91 27.16
CA LEU B 223 -3.74 14.48 26.04
C LEU B 223 -5.12 13.90 25.74
N SER B 224 -5.75 13.29 26.74
CA SER B 224 -7.09 12.77 26.57
C SER B 224 -7.97 13.61 27.47
N LYS B 225 -7.93 14.93 27.22
CA LYS B 225 -8.69 15.90 27.98
C LYS B 225 -8.75 17.19 27.17
N ILE B 226 -8.15 17.13 25.98
CA ILE B 226 -8.09 18.28 25.10
C ILE B 226 -8.16 17.78 23.66
N PRO B 227 -8.85 18.52 22.76
CA PRO B 227 -8.98 18.13 21.35
C PRO B 227 -7.65 17.89 20.67
N CYS B 228 -7.62 16.84 19.85
CA CYS B 228 -6.41 16.47 19.12
C CYS B 228 -6.67 16.35 17.62
N ILE B 229 -5.63 16.63 16.84
CA ILE B 229 -5.72 16.49 15.40
C ILE B 229 -4.78 15.34 15.07
N PHE B 230 -5.27 14.36 14.33
CA PHE B 230 -4.43 13.22 14.00
C PHE B 230 -4.01 13.26 12.54
N LEU B 231 -2.70 13.14 12.31
CA LEU B 231 -2.16 13.14 10.96
C LEU B 231 -1.44 11.83 10.64
N LEU B 232 -1.82 11.17 9.55
CA LEU B 232 -1.20 9.92 9.13
C LEU B 232 -0.43 10.16 7.86
N TYR B 233 0.76 9.58 7.75
CA TYR B 233 1.56 9.73 6.52
C TYR B 233 2.70 8.72 6.43
N LYS B 234 3.59 8.88 5.44
CA LYS B 234 4.69 7.92 5.23
C LYS B 234 6.09 8.52 5.31
N LEU B 235 7.08 7.62 5.33
CA LEU B 235 8.49 8.01 5.39
C LEU B 235 9.01 8.33 3.99
N GLU C 2 0.69 -5.05 5.23
CA GLU C 2 0.78 -4.45 3.86
C GLU C 2 2.23 -4.06 3.55
N THR C 3 3.05 -3.91 4.57
CA THR C 3 4.46 -3.59 4.37
C THR C 3 5.20 -4.94 4.38
N ALA C 4 5.69 -5.37 3.23
CA ALA C 4 6.39 -6.63 3.10
C ALA C 4 7.15 -6.77 1.78
N LEU C 5 7.97 -7.80 1.70
CA LEU C 5 8.72 -8.09 0.50
C LEU C 5 7.87 -9.09 -0.27
N TYR C 6 7.05 -8.58 -1.19
CA TYR C 6 6.17 -9.43 -1.99
C TYR C 6 6.91 -10.14 -3.12
N LEU C 7 6.71 -11.46 -3.18
CA LEU C 7 7.31 -12.32 -4.22
C LEU C 7 6.29 -12.53 -5.33
N LEU C 8 6.49 -11.82 -6.42
CA LEU C 8 5.59 -11.86 -7.57
C LEU C 8 6.11 -12.74 -8.70
N PRO C 9 5.48 -13.89 -8.93
CA PRO C 9 5.96 -14.77 -10.01
C PRO C 9 5.52 -14.34 -11.41
N VAL C 10 6.29 -14.74 -12.42
CA VAL C 10 5.93 -14.43 -13.80
C VAL C 10 5.48 -15.71 -14.47
N THR C 11 5.11 -15.61 -15.73
CA THR C 11 4.66 -16.79 -16.47
C THR C 11 5.87 -17.68 -16.77
N LEU C 12 5.61 -18.96 -17.02
CA LEU C 12 6.66 -19.93 -17.31
C LEU C 12 7.18 -19.84 -18.74
N GLY C 13 6.31 -19.41 -19.63
CA GLY C 13 6.68 -19.27 -21.04
C GLY C 13 5.89 -18.15 -21.67
N ASP C 14 5.74 -18.19 -22.99
CA ASP C 14 5.02 -17.16 -23.70
C ASP C 14 3.51 -17.40 -23.70
N THR C 15 2.88 -17.20 -22.56
CA THR C 15 1.42 -17.42 -22.43
C THR C 15 0.78 -16.21 -21.75
N PRO C 16 -0.52 -16.00 -21.96
CA PRO C 16 -1.22 -14.86 -21.33
C PRO C 16 -1.20 -14.90 -19.80
N LEU C 17 -1.14 -13.71 -19.18
CA LEU C 17 -1.09 -13.57 -17.72
C LEU C 17 -2.28 -14.10 -16.95
N GLU C 18 -3.48 -13.89 -17.47
CA GLU C 18 -4.69 -14.35 -16.78
C GLU C 18 -4.76 -15.87 -16.79
N GLN C 19 -3.76 -16.50 -17.39
CA GLN C 19 -3.74 -17.95 -17.46
C GLN C 19 -2.98 -18.63 -16.32
N VAL C 20 -1.95 -17.97 -15.81
CA VAL C 20 -1.15 -18.54 -14.74
C VAL C 20 -0.95 -17.63 -13.53
N LEU C 21 -1.40 -16.39 -13.64
CA LEU C 21 -1.27 -15.44 -12.53
C LEU C 21 -2.63 -14.94 -12.11
N PRO C 22 -3.04 -15.23 -10.87
CA PRO C 22 -4.35 -14.76 -10.42
C PRO C 22 -4.40 -13.23 -10.32
N SER C 23 -5.54 -12.66 -10.70
CA SER C 23 -5.75 -11.21 -10.69
C SER C 23 -5.21 -10.49 -9.46
N TYR C 24 -5.28 -11.15 -8.30
CA TYR C 24 -4.80 -10.55 -7.06
C TYR C 24 -3.38 -9.96 -7.20
N ASN C 25 -2.53 -10.64 -7.93
CA ASN C 25 -1.15 -10.20 -8.14
C ASN C 25 -1.09 -8.85 -8.84
N THR C 26 -2.08 -8.56 -9.67
CA THR C 26 -2.13 -7.29 -10.36
C THR C 26 -2.46 -6.20 -9.35
N GLU C 27 -3.49 -6.45 -8.52
CA GLU C 27 -3.91 -5.50 -7.51
C GLU C 27 -2.77 -5.09 -6.57
N ILE C 28 -2.06 -6.07 -6.01
CA ILE C 28 -1.00 -5.71 -5.11
C ILE C 28 0.21 -5.10 -5.86
N ILE C 29 0.40 -5.47 -7.12
CA ILE C 29 1.50 -4.90 -7.90
C ILE C 29 1.23 -3.41 -8.10
N ARG C 30 -0.04 -3.06 -8.25
CA ARG C 30 -0.46 -1.66 -8.44
C ARG C 30 -0.24 -0.88 -7.14
N GLY C 31 0.28 -1.56 -6.13
CA GLY C 31 0.50 -0.90 -4.85
C GLY C 31 1.95 -0.84 -4.46
N ILE C 32 2.83 -1.18 -5.39
CA ILE C 32 4.26 -1.17 -5.11
C ILE C 32 4.94 -0.20 -6.04
N ARG C 33 6.09 0.33 -5.62
CA ARG C 33 6.84 1.26 -6.43
C ARG C 33 8.30 0.88 -6.41
N HIS C 34 8.64 -0.08 -5.54
CA HIS C 34 10.00 -0.58 -5.40
C HIS C 34 9.97 -2.07 -5.75
N PHE C 35 10.60 -2.42 -6.87
CA PHE C 35 10.64 -3.80 -7.34
C PHE C 35 12.06 -4.30 -7.48
N ILE C 36 12.39 -5.38 -6.76
CA ILE C 36 13.72 -5.96 -6.87
C ILE C 36 13.60 -6.91 -8.06
N VAL C 37 14.34 -6.59 -9.12
CA VAL C 37 14.30 -7.37 -10.34
C VAL C 37 15.67 -7.89 -10.76
N GLU C 38 15.69 -8.96 -11.54
CA GLU C 38 16.94 -9.54 -12.03
C GLU C 38 17.34 -8.80 -13.29
N ASP C 39 16.39 -8.69 -14.21
CA ASP C 39 16.61 -8.02 -15.48
C ASP C 39 15.68 -6.83 -15.59
N VAL C 40 16.24 -5.63 -15.52
CA VAL C 40 15.43 -4.41 -15.55
C VAL C 40 14.55 -4.22 -16.79
N ARG C 41 15.04 -4.60 -17.96
CA ARG C 41 14.26 -4.42 -19.18
C ARG C 41 13.11 -5.40 -19.31
N SER C 42 13.25 -6.59 -18.74
CA SER C 42 12.19 -7.61 -18.81
C SER C 42 11.15 -7.46 -17.71
N ALA C 43 11.55 -6.82 -16.61
CA ALA C 43 10.63 -6.58 -15.51
C ALA C 43 9.70 -5.49 -15.99
N ARG C 44 10.28 -4.49 -16.65
CA ARG C 44 9.53 -3.37 -17.20
C ARG C 44 8.64 -3.93 -18.31
N ARG C 45 9.19 -4.89 -19.05
CA ARG C 45 8.49 -5.54 -20.14
C ARG C 45 7.27 -6.26 -19.56
N PHE C 46 7.46 -6.92 -18.42
CA PHE C 46 6.40 -7.64 -17.73
C PHE C 46 5.36 -6.71 -17.11
N LEU C 47 5.84 -5.70 -16.39
CA LEU C 47 4.94 -4.75 -15.75
C LEU C 47 4.01 -4.07 -16.76
N LYS C 48 4.44 -3.94 -18.01
CA LYS C 48 3.60 -3.32 -19.02
C LYS C 48 2.55 -4.35 -19.42
N LYS C 49 2.96 -5.61 -19.40
CA LYS C 49 2.11 -6.73 -19.77
C LYS C 49 0.99 -6.94 -18.76
N VAL C 50 1.18 -6.53 -17.51
CA VAL C 50 0.16 -6.69 -16.49
C VAL C 50 -0.81 -5.52 -16.45
N ASP C 51 -0.33 -4.33 -16.81
CA ASP C 51 -1.20 -3.15 -16.80
C ASP C 51 -0.54 -1.88 -17.38
N ARG C 52 -1.05 -1.43 -18.53
CA ARG C 52 -0.53 -0.23 -19.20
C ARG C 52 -0.66 1.01 -18.32
N GLU C 53 -1.71 1.03 -17.50
CA GLU C 53 -1.98 2.14 -16.60
C GLU C 53 -0.86 2.47 -15.61
N ILE C 54 -0.03 1.49 -15.27
CA ILE C 54 1.05 1.73 -14.31
C ILE C 54 2.12 2.64 -14.91
N ASP C 55 2.63 3.56 -14.09
CA ASP C 55 3.67 4.49 -14.55
C ASP C 55 5.00 3.77 -14.65
N ILE C 56 5.16 3.06 -15.76
CA ILE C 56 6.37 2.31 -16.05
C ILE C 56 7.64 3.14 -15.93
N ASP C 57 7.53 4.42 -16.26
CA ASP C 57 8.67 5.33 -16.24
C ASP C 57 9.06 5.83 -14.84
N SER C 58 8.10 5.90 -13.93
CA SER C 58 8.42 6.39 -12.58
C SER C 58 8.24 5.31 -11.51
N LEU C 59 9.13 4.33 -11.52
CA LEU C 59 9.15 3.23 -10.56
C LEU C 59 10.62 3.00 -10.20
N THR C 60 10.87 2.47 -9.01
CA THR C 60 12.25 2.22 -8.61
C THR C 60 12.58 0.73 -8.71
N PHE C 61 13.35 0.35 -9.72
CA PHE C 61 13.72 -1.05 -9.89
C PHE C 61 15.06 -1.23 -9.22
N TYR C 62 15.36 -2.45 -8.78
CA TYR C 62 16.63 -2.72 -8.12
C TYR C 62 17.27 -3.99 -8.68
N PRO C 63 18.24 -3.84 -9.59
CA PRO C 63 18.93 -4.98 -10.19
C PRO C 63 19.70 -5.81 -9.17
N LEU C 64 19.52 -7.13 -9.19
CA LEU C 64 20.21 -8.03 -8.26
C LEU C 64 20.69 -9.35 -8.90
N SER C 69 25.32 -8.61 -4.74
CA SER C 69 26.17 -8.50 -3.56
C SER C 69 25.34 -8.36 -2.26
N PRO C 70 25.70 -9.10 -1.21
CA PRO C 70 24.98 -9.07 0.07
C PRO C 70 24.93 -7.70 0.74
N GLU C 71 25.80 -6.78 0.32
CA GLU C 71 25.81 -5.44 0.90
C GLU C 71 24.75 -4.60 0.21
N ASP C 72 24.62 -4.77 -1.10
CA ASP C 72 23.62 -4.05 -1.88
C ASP C 72 22.22 -4.57 -1.59
N ILE C 73 22.11 -5.87 -1.34
CA ILE C 73 20.82 -6.50 -1.04
C ILE C 73 20.22 -5.87 0.21
N SER C 74 21.04 -5.78 1.25
CA SER C 74 20.60 -5.19 2.50
C SER C 74 20.21 -3.74 2.28
N GLY C 75 20.84 -3.10 1.30
CA GLY C 75 20.54 -1.70 0.99
C GLY C 75 19.21 -1.56 0.27
N TYR C 76 18.97 -2.42 -0.73
CA TYR C 76 17.74 -2.40 -1.48
C TYR C 76 16.52 -2.70 -0.60
N LEU C 77 16.75 -3.38 0.52
CA LEU C 77 15.68 -3.75 1.46
C LEU C 77 15.23 -2.63 2.38
N LYS C 78 16.02 -1.57 2.48
CA LYS C 78 15.71 -0.46 3.35
C LYS C 78 14.33 0.18 3.18
N PRO C 79 13.88 0.41 1.94
CA PRO C 79 12.55 1.01 1.80
C PRO C 79 11.53 0.15 2.51
N LEU C 80 11.77 -1.16 2.49
CA LEU C 80 10.87 -2.13 3.16
C LEU C 80 11.00 -1.98 4.67
N ALA C 81 12.24 -1.93 5.15
CA ALA C 81 12.50 -1.76 6.58
C ALA C 81 11.79 -0.49 7.07
N GLY C 82 11.76 0.53 6.21
CA GLY C 82 11.13 1.79 6.55
C GLY C 82 9.61 1.75 6.50
N GLY C 83 9.07 0.71 5.85
CA GLY C 83 7.62 0.56 5.76
C GLY C 83 6.95 0.51 4.41
N ALA C 84 7.71 0.54 3.32
CA ALA C 84 7.11 0.51 1.99
C ALA C 84 6.97 -0.87 1.35
N SER C 85 5.84 -1.13 0.72
CA SER C 85 5.62 -2.42 0.06
C SER C 85 6.68 -2.55 -1.03
N MSE C 86 7.41 -3.67 -1.01
CA MSE C 86 8.40 -3.93 -2.03
C MSE C 86 8.00 -5.19 -2.78
O MSE C 86 7.16 -5.95 -2.31
CB MSE C 86 9.79 -4.10 -1.42
CG MSE C 86 10.35 -2.84 -0.80
SE MSE C 86 12.27 -2.97 -0.63
CE MSE C 86 12.76 -2.34 -2.40
N GLY C 87 8.59 -5.39 -3.96
CA GLY C 87 8.28 -6.58 -4.72
C GLY C 87 9.46 -7.17 -5.45
N VAL C 88 9.51 -8.50 -5.53
CA VAL C 88 10.57 -9.16 -6.25
C VAL C 88 9.93 -9.95 -7.37
N ILE C 89 10.23 -9.58 -8.61
CA ILE C 89 9.68 -10.29 -9.76
C ILE C 89 10.74 -11.28 -10.21
N SER C 90 10.54 -12.56 -9.89
CA SER C 90 11.49 -13.60 -10.25
C SER C 90 10.88 -14.74 -11.08
N GLU C 91 11.77 -15.51 -11.70
CA GLU C 91 11.37 -16.63 -12.54
C GLU C 91 10.80 -17.76 -11.68
N ASP C 99 18.31 -18.67 -9.41
CA ASP C 99 17.24 -17.83 -8.86
C ASP C 99 17.76 -16.65 -8.06
N PRO C 100 18.13 -15.56 -8.73
CA PRO C 100 18.64 -14.37 -8.05
C PRO C 100 17.50 -13.69 -7.31
N GLY C 101 17.10 -14.27 -6.18
CA GLY C 101 16.02 -13.69 -5.42
C GLY C 101 15.99 -14.37 -4.07
N ALA C 102 16.41 -15.63 -4.06
CA ALA C 102 16.45 -16.43 -2.84
C ALA C 102 17.30 -15.70 -1.80
N ASP C 103 18.41 -15.10 -2.24
CA ASP C 103 19.31 -14.40 -1.34
C ASP C 103 18.63 -13.16 -0.77
N VAL C 104 17.84 -12.48 -1.59
CA VAL C 104 17.13 -11.28 -1.15
C VAL C 104 16.05 -11.65 -0.11
N VAL C 105 15.41 -12.80 -0.30
CA VAL C 105 14.37 -13.24 0.63
C VAL C 105 15.09 -13.66 1.92
N ALA C 106 16.19 -14.40 1.75
CA ALA C 106 16.97 -14.88 2.87
C ALA C 106 17.41 -13.75 3.80
N ILE C 107 18.02 -12.71 3.24
CA ILE C 107 18.48 -11.60 4.06
C ILE C 107 17.31 -10.84 4.68
N ALA C 108 16.20 -10.74 3.95
CA ALA C 108 15.04 -10.04 4.46
C ALA C 108 14.58 -10.80 5.72
N GLN C 109 14.69 -12.13 5.66
CA GLN C 109 14.32 -13.03 6.76
C GLN C 109 15.24 -12.82 7.97
N ARG C 110 16.53 -12.71 7.70
CA ARG C 110 17.53 -12.50 8.73
C ARG C 110 17.24 -11.18 9.42
N GLN C 111 16.81 -10.18 8.65
CA GLN C 111 16.49 -8.87 9.23
C GLN C 111 15.04 -8.88 9.70
N LYS C 112 14.53 -10.08 9.96
CA LYS C 112 13.16 -10.29 10.43
C LYS C 112 12.09 -9.44 9.76
N LEU C 113 12.20 -9.28 8.44
CA LEU C 113 11.23 -8.52 7.66
C LEU C 113 10.13 -9.47 7.17
N LYS C 114 8.95 -8.92 6.91
CA LYS C 114 7.80 -9.69 6.45
C LYS C 114 7.90 -10.07 4.97
N VAL C 115 7.92 -11.37 4.69
CA VAL C 115 8.00 -11.85 3.32
C VAL C 115 6.66 -12.48 3.05
N ILE C 116 6.11 -12.20 1.89
CA ILE C 116 4.82 -12.74 1.51
C ILE C 116 4.90 -13.27 0.07
N PRO C 117 4.68 -14.58 -0.11
CA PRO C 117 4.73 -15.16 -1.46
C PRO C 117 3.39 -15.18 -2.18
N LEU C 118 3.34 -14.64 -3.40
CA LEU C 118 2.10 -14.67 -4.16
C LEU C 118 2.07 -15.89 -5.09
N VAL C 119 0.87 -16.45 -5.31
CA VAL C 119 0.71 -17.63 -6.14
C VAL C 119 1.11 -17.44 -7.58
N GLY C 120 1.66 -18.48 -8.19
CA GLY C 120 2.06 -18.37 -9.58
C GLY C 120 2.33 -19.73 -10.20
N PRO C 121 2.72 -19.77 -11.47
CA PRO C 121 2.98 -21.09 -12.07
C PRO C 121 4.32 -21.66 -11.59
N SER C 122 4.35 -22.97 -11.36
CA SER C 122 5.53 -23.72 -10.90
C SER C 122 5.66 -24.98 -11.75
N SER C 123 6.77 -25.14 -12.46
CA SER C 123 6.91 -26.33 -13.29
C SER C 123 7.13 -27.57 -12.46
N ILE C 124 7.70 -27.42 -11.27
CA ILE C 124 7.96 -28.55 -10.40
C ILE C 124 6.66 -29.24 -9.92
N ILE C 125 5.68 -28.47 -9.42
CA ILE C 125 4.45 -29.12 -8.95
C ILE C 125 3.47 -29.41 -10.08
N LEU C 126 3.52 -28.63 -11.15
CA LEU C 126 2.63 -28.91 -12.26
C LEU C 126 3.02 -30.27 -12.85
N SER C 127 4.31 -30.60 -12.82
CA SER C 127 4.74 -31.89 -13.33
C SER C 127 4.43 -32.98 -12.30
N VAL C 128 4.51 -32.65 -11.02
CA VAL C 128 4.20 -33.64 -10.00
C VAL C 128 2.74 -34.02 -10.13
N MSE C 129 1.89 -33.04 -10.43
CA MSE C 129 0.46 -33.25 -10.61
C MSE C 129 0.08 -34.09 -11.84
O MSE C 129 -0.76 -35.00 -11.77
CB MSE C 129 -0.27 -31.90 -10.70
CG MSE C 129 -0.23 -31.08 -9.42
SE MSE C 129 -0.80 -29.21 -9.67
CE MSE C 129 -2.57 -29.47 -10.45
N ALA C 130 0.69 -33.79 -12.99
CA ALA C 130 0.34 -34.53 -14.20
C ALA C 130 1.10 -35.82 -14.43
N SER C 131 2.08 -36.11 -13.58
CA SER C 131 2.89 -37.33 -13.69
C SER C 131 2.18 -38.60 -13.23
N GLY C 132 1.28 -38.47 -12.27
CA GLY C 132 0.57 -39.64 -11.75
C GLY C 132 1.35 -40.33 -10.66
N PHE C 133 2.41 -39.67 -10.20
CA PHE C 133 3.30 -40.19 -9.17
C PHE C 133 2.98 -39.74 -7.75
N ASN C 134 3.63 -40.37 -6.78
CA ASN C 134 3.43 -40.05 -5.38
C ASN C 134 3.83 -38.61 -5.08
N GLY C 135 2.83 -37.77 -4.84
CA GLY C 135 3.06 -36.36 -4.53
C GLY C 135 3.29 -36.10 -3.06
N GLN C 136 2.97 -37.06 -2.20
CA GLN C 136 3.18 -36.87 -0.77
C GLN C 136 4.63 -37.08 -0.41
N SER C 137 5.44 -37.47 -1.39
CA SER C 137 6.86 -37.68 -1.15
C SER C 137 7.71 -37.69 -2.41
N PHE C 138 8.24 -36.51 -2.76
CA PHE C 138 9.04 -36.35 -3.95
C PHE C 138 10.26 -35.48 -3.67
N ALA C 139 11.29 -35.65 -4.50
CA ALA C 139 12.52 -34.89 -4.34
C ALA C 139 13.07 -34.39 -5.66
N PHE C 140 13.34 -33.09 -5.71
CA PHE C 140 13.88 -32.46 -6.90
C PHE C 140 15.36 -32.20 -6.65
N HIS C 141 16.18 -32.54 -7.63
CA HIS C 141 17.63 -32.40 -7.49
C HIS C 141 18.25 -31.38 -8.43
N GLY C 142 17.44 -30.64 -9.16
CA GLY C 142 18.00 -29.68 -10.11
C GLY C 142 18.65 -30.48 -11.22
N TYR C 143 19.90 -30.16 -11.57
CA TYR C 143 20.63 -30.85 -12.63
C TYR C 143 21.40 -32.05 -12.10
N LEU C 144 21.67 -33.04 -12.96
CA LEU C 144 22.45 -34.19 -12.53
C LEU C 144 23.87 -34.01 -13.05
N PRO C 145 24.85 -34.70 -12.44
CA PRO C 145 26.26 -34.61 -12.84
C PRO C 145 26.51 -34.70 -14.35
N ILE C 146 27.48 -33.92 -14.83
CA ILE C 146 27.84 -33.89 -16.25
C ILE C 146 28.74 -35.06 -16.61
N GLU C 147 29.74 -35.31 -15.76
CA GLU C 147 30.69 -36.38 -15.95
C GLU C 147 30.03 -37.75 -15.85
N PRO C 148 29.98 -38.50 -16.97
CA PRO C 148 29.37 -39.83 -17.00
C PRO C 148 29.85 -40.71 -15.84
N GLY C 149 29.08 -41.75 -15.55
CA GLY C 149 29.45 -42.64 -14.46
C GLY C 149 28.99 -42.03 -13.15
N GLU C 150 29.26 -40.74 -13.01
CA GLU C 150 28.87 -39.99 -11.81
C GLU C 150 27.38 -39.76 -12.02
N ARG C 151 27.06 -39.32 -13.23
CA ARG C 151 25.70 -39.07 -13.66
C ARG C 151 25.01 -40.42 -13.77
N ALA C 152 25.76 -41.44 -14.16
CA ALA C 152 25.19 -42.78 -14.30
C ALA C 152 24.97 -43.42 -12.94
N LYS C 153 25.71 -42.96 -11.94
CA LYS C 153 25.58 -43.51 -10.60
C LYS C 153 24.51 -42.77 -9.81
N LYS C 154 24.26 -41.52 -10.16
CA LYS C 154 23.25 -40.75 -9.44
C LYS C 154 21.89 -41.28 -9.83
N LEU C 155 21.71 -41.54 -11.12
CA LEU C 155 20.45 -42.08 -11.62
C LEU C 155 20.17 -43.37 -10.84
N LYS C 156 21.19 -44.22 -10.73
CA LYS C 156 21.08 -45.48 -10.01
C LYS C 156 20.59 -45.22 -8.58
N THR C 157 21.27 -44.30 -7.89
CA THR C 157 20.93 -43.93 -6.52
C THR C 157 19.50 -43.42 -6.42
N LEU C 158 19.13 -42.48 -7.28
CA LEU C 158 17.79 -41.93 -7.28
C LEU C 158 16.76 -43.01 -7.56
N GLU C 159 17.07 -43.91 -8.49
CA GLU C 159 16.13 -44.96 -8.82
C GLU C 159 15.93 -45.92 -7.66
N GLN C 160 16.98 -46.17 -6.89
CA GLN C 160 16.88 -47.07 -5.74
C GLN C 160 16.01 -46.43 -4.66
N ARG C 161 16.13 -45.11 -4.55
CA ARG C 161 15.35 -44.37 -3.57
C ARG C 161 13.88 -44.49 -3.93
N VAL C 162 13.59 -44.55 -5.23
CA VAL C 162 12.21 -44.70 -5.63
C VAL C 162 11.60 -45.95 -4.97
N TYR C 163 12.24 -47.10 -5.18
CA TYR C 163 11.78 -48.37 -4.63
C TYR C 163 11.94 -48.50 -3.11
N ALA C 164 13.05 -48.00 -2.57
CA ALA C 164 13.28 -48.09 -1.13
C ALA C 164 12.41 -47.15 -0.29
N GLU C 165 12.37 -45.88 -0.69
CA GLU C 165 11.63 -44.87 0.04
C GLU C 165 10.31 -44.41 -0.56
N SER C 166 9.88 -45.07 -1.63
CA SER C 166 8.62 -44.70 -2.26
C SER C 166 8.59 -43.20 -2.48
N GLN C 167 9.73 -42.66 -2.92
CA GLN C 167 9.84 -41.22 -3.17
C GLN C 167 10.05 -40.94 -4.64
N THR C 168 9.20 -40.07 -5.19
CA THR C 168 9.30 -39.69 -6.60
C THR C 168 10.56 -38.87 -6.78
N GLN C 169 11.31 -39.16 -7.83
CA GLN C 169 12.56 -38.44 -8.12
C GLN C 169 12.39 -37.53 -9.34
N LEU C 170 12.80 -36.28 -9.23
CA LEU C 170 12.67 -35.34 -10.35
C LEU C 170 13.99 -34.64 -10.58
N PHE C 171 14.21 -34.17 -11.79
CA PHE C 171 15.40 -33.40 -12.11
C PHE C 171 15.22 -32.72 -13.45
N ILE C 172 16.23 -31.99 -13.89
CA ILE C 172 16.15 -31.30 -15.16
C ILE C 172 17.43 -31.41 -15.98
N GLU C 173 17.35 -30.93 -17.22
CA GLU C 173 18.48 -30.97 -18.12
C GLU C 173 18.33 -29.81 -19.11
N THR C 174 19.45 -29.34 -19.64
CA THR C 174 19.40 -28.24 -20.62
C THR C 174 18.83 -28.83 -21.90
N PRO C 175 17.96 -28.08 -22.58
CA PRO C 175 17.28 -28.46 -23.83
C PRO C 175 18.02 -29.29 -24.89
N TYR C 176 19.29 -28.85 -25.27
CA TYR C 176 20.05 -29.57 -26.29
C TYR C 176 20.61 -30.89 -25.79
N ARG C 177 20.20 -31.27 -24.59
CA ARG C 177 20.75 -32.47 -23.98
C ARG C 177 19.67 -33.36 -23.42
N ASN C 178 18.41 -33.01 -23.71
CA ASN C 178 17.29 -33.78 -23.21
C ASN C 178 17.32 -35.20 -23.73
N HIS C 179 17.85 -35.37 -24.94
CA HIS C 179 17.92 -36.69 -25.54
C HIS C 179 19.04 -37.54 -24.95
N LYS C 180 20.16 -36.90 -24.62
CA LYS C 180 21.25 -37.64 -24.02
C LYS C 180 20.74 -38.18 -22.69
N MSE C 181 20.00 -37.34 -21.98
CA MSE C 181 19.43 -37.72 -20.68
C MSE C 181 18.41 -38.86 -20.82
O MSE C 181 18.52 -39.87 -20.13
CB MSE C 181 18.77 -36.51 -20.01
CG MSE C 181 18.17 -36.81 -18.64
SE MSE C 181 19.47 -37.23 -17.26
CE MSE C 181 19.49 -39.15 -17.38
N ILE C 182 17.43 -38.69 -21.70
CA ILE C 182 16.44 -39.77 -21.85
C ILE C 182 17.18 -41.03 -22.27
N GLU C 183 18.24 -40.88 -23.04
CA GLU C 183 19.00 -42.04 -23.46
C GLU C 183 19.71 -42.61 -22.23
N ASP C 184 20.19 -41.74 -21.34
CA ASP C 184 20.86 -42.20 -20.13
C ASP C 184 19.87 -42.86 -19.18
N ILE C 185 18.63 -42.39 -19.23
CA ILE C 185 17.56 -42.92 -18.39
C ILE C 185 17.16 -44.32 -18.89
N LEU C 186 16.91 -44.45 -20.18
CA LEU C 186 16.49 -45.74 -20.71
C LEU C 186 17.65 -46.73 -20.84
N GLN C 187 18.86 -46.29 -20.51
CA GLN C 187 20.00 -47.20 -20.58
C GLN C 187 20.54 -47.58 -19.21
N ASN C 188 20.24 -46.79 -18.19
CA ASN C 188 20.72 -47.09 -16.85
C ASN C 188 19.60 -47.51 -15.89
N CYS C 189 18.35 -47.20 -16.21
CA CYS C 189 17.24 -47.56 -15.31
C CYS C 189 16.61 -48.92 -15.61
N ARG C 190 15.80 -49.37 -14.65
CA ARG C 190 15.08 -50.64 -14.75
C ARG C 190 14.00 -50.54 -15.84
N PRO C 191 13.84 -51.61 -16.64
CA PRO C 191 12.83 -51.60 -17.70
C PRO C 191 11.42 -51.22 -17.21
N GLN C 192 11.05 -51.65 -16.00
CA GLN C 192 9.72 -51.35 -15.47
C GLN C 192 9.63 -50.06 -14.62
N THR C 193 10.76 -49.37 -14.44
CA THR C 193 10.73 -48.14 -13.69
C THR C 193 9.85 -47.21 -14.51
N LYS C 194 9.14 -46.28 -13.86
CA LYS C 194 8.28 -45.38 -14.59
C LYS C 194 8.92 -44.03 -14.77
N LEU C 195 8.70 -43.44 -15.95
CA LEU C 195 9.24 -42.12 -16.26
C LEU C 195 8.17 -41.18 -16.78
N CYS C 196 8.18 -39.95 -16.31
CA CYS C 196 7.22 -39.00 -16.84
C CYS C 196 8.05 -37.91 -17.44
N ILE C 197 7.67 -37.48 -18.64
CA ILE C 197 8.37 -36.40 -19.29
C ILE C 197 7.41 -35.22 -19.36
N ALA C 198 7.81 -34.09 -18.80
CA ALA C 198 6.98 -32.89 -18.82
C ALA C 198 7.74 -31.77 -19.51
N ALA C 199 7.27 -31.37 -20.70
CA ALA C 199 7.93 -30.32 -21.49
C ALA C 199 7.37 -28.90 -21.36
N ASN C 200 6.78 -28.37 -22.42
CA ASN C 200 6.24 -27.01 -22.42
C ASN C 200 5.09 -26.76 -21.46
N ILE C 201 5.33 -26.97 -20.17
CA ILE C 201 4.30 -26.78 -19.15
C ILE C 201 3.62 -25.41 -19.27
N THR C 202 2.29 -25.45 -19.36
CA THR C 202 1.42 -24.26 -19.51
C THR C 202 1.57 -23.59 -20.89
N CYS C 203 2.69 -23.85 -21.55
CA CYS C 203 2.99 -23.26 -22.86
C CYS C 203 2.04 -23.62 -23.98
N GLU C 204 1.17 -24.59 -23.77
CA GLU C 204 0.26 -24.97 -24.84
C GLU C 204 1.14 -25.37 -26.03
N GLY C 205 1.55 -26.62 -25.95
CA GLY C 205 2.43 -27.27 -26.91
C GLY C 205 3.06 -28.22 -25.89
N GLU C 206 2.40 -28.19 -24.73
CA GLU C 206 2.73 -28.94 -23.54
C GLU C 206 2.68 -30.46 -23.72
N PHE C 207 3.70 -31.13 -23.21
CA PHE C 207 3.81 -32.58 -23.33
C PHE C 207 4.12 -33.20 -21.98
N ILE C 208 3.11 -33.76 -21.31
CA ILE C 208 3.33 -34.40 -20.01
C ILE C 208 2.61 -35.73 -19.97
N GLN C 209 3.33 -36.80 -20.25
CA GLN C 209 2.74 -38.12 -20.21
C GLN C 209 3.73 -39.02 -19.51
N THR C 210 3.23 -40.07 -18.90
CA THR C 210 4.07 -40.99 -18.17
C THR C 210 4.06 -42.37 -18.78
N ARG C 211 5.23 -42.98 -18.86
CA ARG C 211 5.35 -44.32 -19.42
C ARG C 211 6.44 -45.07 -18.70
N THR C 212 6.45 -46.38 -18.90
CA THR C 212 7.45 -47.27 -18.34
C THR C 212 8.73 -46.97 -19.14
N VAL C 213 9.90 -47.21 -18.56
CA VAL C 213 11.13 -46.94 -19.28
C VAL C 213 11.13 -47.71 -20.59
N LYS C 214 10.85 -49.01 -20.45
CA LYS C 214 10.80 -49.94 -21.57
C LYS C 214 9.89 -49.49 -22.71
N ASP C 215 8.83 -48.75 -22.39
CA ASP C 215 7.87 -48.31 -23.42
C ASP C 215 8.02 -46.90 -23.98
N TRP C 216 9.18 -46.27 -23.78
CA TRP C 216 9.39 -44.95 -24.32
C TRP C 216 10.13 -45.11 -25.64
N LYS C 217 10.71 -46.30 -25.83
CA LYS C 217 11.46 -46.64 -27.03
C LYS C 217 10.85 -46.13 -28.34
N GLY C 218 9.65 -46.58 -28.66
CA GLY C 218 9.04 -46.20 -29.91
C GLY C 218 8.28 -44.90 -30.06
N HIS C 219 7.83 -44.30 -28.98
CA HIS C 219 7.06 -43.06 -29.12
C HIS C 219 7.66 -41.84 -28.41
N ILE C 220 8.99 -41.75 -28.39
CA ILE C 220 9.68 -40.64 -27.76
C ILE C 220 9.74 -39.43 -28.70
N PRO C 221 9.22 -38.26 -28.25
CA PRO C 221 9.24 -37.06 -29.07
C PRO C 221 10.59 -36.34 -29.14
N GLU C 222 10.59 -35.21 -29.83
CA GLU C 222 11.80 -34.40 -29.98
C GLU C 222 12.13 -33.64 -28.71
N LEU C 223 11.47 -32.51 -28.51
CA LEU C 223 11.68 -31.67 -27.34
C LEU C 223 13.15 -31.43 -26.98
N SER C 224 13.86 -30.79 -27.92
CA SER C 224 15.26 -30.43 -27.75
C SER C 224 15.42 -28.92 -27.87
N LYS C 225 14.31 -28.22 -28.04
CA LYS C 225 14.31 -26.77 -28.17
C LYS C 225 13.69 -26.12 -26.94
N ILE C 226 13.16 -26.94 -26.02
CA ILE C 226 12.58 -26.42 -24.79
C ILE C 226 13.00 -27.27 -23.60
N PRO C 227 13.15 -26.65 -22.44
CA PRO C 227 13.55 -27.44 -21.28
C PRO C 227 12.37 -28.30 -20.82
N CYS C 228 12.69 -29.38 -20.12
CA CYS C 228 11.64 -30.24 -19.64
C CYS C 228 12.05 -30.86 -18.31
N ILE C 229 11.06 -31.36 -17.57
CA ILE C 229 11.32 -31.97 -16.29
C ILE C 229 11.15 -33.47 -16.36
N PHE C 230 12.10 -34.18 -15.76
CA PHE C 230 12.08 -35.64 -15.75
C PHE C 230 11.71 -36.18 -14.37
N LEU C 231 10.82 -37.16 -14.35
CA LEU C 231 10.38 -37.77 -13.11
C LEU C 231 10.45 -39.29 -13.16
N LEU C 232 11.04 -39.88 -12.12
CA LEU C 232 11.14 -41.33 -12.03
C LEU C 232 10.29 -41.85 -10.84
N TYR C 233 9.60 -42.96 -11.05
CA TYR C 233 8.83 -43.60 -9.98
C TYR C 233 8.41 -45.01 -10.39
N LYS C 234 7.57 -45.66 -9.59
CA LYS C 234 7.15 -47.03 -9.83
C LYS C 234 5.65 -47.29 -9.99
N LEU C 235 5.29 -48.55 -10.26
CA LEU C 235 3.90 -48.96 -10.45
C LEU C 235 3.19 -49.17 -9.09
N GLU D 2 10.00 28.20 24.22
CA GLU D 2 10.91 29.21 23.61
C GLU D 2 11.97 28.59 22.68
N THR D 3 12.83 27.74 23.19
CA THR D 3 13.84 27.13 22.35
C THR D 3 13.20 26.06 21.46
N ALA D 4 13.31 26.25 20.14
CA ALA D 4 12.72 25.32 19.19
C ALA D 4 13.11 25.61 17.77
N LEU D 5 12.57 24.80 16.87
CA LEU D 5 12.76 24.92 15.44
C LEU D 5 11.52 25.68 14.98
N TYR D 6 11.63 27.00 14.82
CA TYR D 6 10.51 27.83 14.41
C TYR D 6 10.22 27.84 12.92
N LEU D 7 8.97 27.57 12.58
CA LEU D 7 8.52 27.57 11.19
C LEU D 7 7.96 28.96 10.86
N LEU D 8 8.75 29.73 10.10
CA LEU D 8 8.40 31.11 9.71
C LEU D 8 7.73 31.24 8.34
N PRO D 9 6.42 31.51 8.34
CA PRO D 9 5.71 31.65 7.05
C PRO D 9 6.12 32.91 6.29
N VAL D 10 6.23 32.82 4.97
CA VAL D 10 6.54 34.02 4.18
C VAL D 10 5.19 34.47 3.58
N THR D 11 5.20 35.55 2.82
CA THR D 11 3.96 36.06 2.23
C THR D 11 3.47 35.16 1.11
N LEU D 12 2.21 35.37 0.73
CA LEU D 12 1.59 34.61 -0.34
C LEU D 12 1.93 35.26 -1.67
N GLY D 13 1.91 36.59 -1.69
CA GLY D 13 2.24 37.35 -2.89
C GLY D 13 2.98 38.60 -2.46
N ASP D 14 3.28 39.48 -3.42
CA ASP D 14 4.02 40.70 -3.11
C ASP D 14 3.15 41.72 -2.37
N THR D 15 2.89 41.45 -1.10
CA THR D 15 2.05 42.32 -0.26
C THR D 15 2.76 42.65 1.05
N PRO D 16 2.29 43.69 1.76
CA PRO D 16 2.97 44.01 3.02
C PRO D 16 2.82 42.94 4.11
N LEU D 17 3.92 42.66 4.81
CA LEU D 17 3.93 41.65 5.86
C LEU D 17 2.91 41.80 6.99
N GLU D 18 2.64 43.03 7.43
CA GLU D 18 1.70 43.26 8.51
C GLU D 18 0.26 42.90 8.14
N GLN D 19 0.04 42.60 6.87
CA GLN D 19 -1.30 42.25 6.42
C GLN D 19 -1.58 40.76 6.59
N VAL D 20 -0.55 39.94 6.36
CA VAL D 20 -0.70 38.49 6.46
C VAL D 20 0.17 37.77 7.48
N LEU D 21 0.99 38.49 8.24
CA LEU D 21 1.86 37.86 9.24
C LEU D 21 1.75 38.54 10.60
N PRO D 22 1.61 37.78 11.69
CA PRO D 22 1.50 38.43 13.00
C PRO D 22 2.80 39.12 13.45
N SER D 23 2.67 40.25 14.12
CA SER D 23 3.85 40.99 14.57
C SER D 23 4.75 40.08 15.40
N TYR D 24 4.10 39.20 16.16
CA TYR D 24 4.81 38.26 17.01
C TYR D 24 5.89 37.51 16.22
N ASN D 25 5.62 37.24 14.95
CA ASN D 25 6.58 36.52 14.12
C ASN D 25 7.88 37.30 13.96
N THR D 26 7.81 38.60 14.13
CA THR D 26 9.01 39.41 14.02
C THR D 26 9.84 39.33 15.30
N GLU D 27 9.16 39.26 16.45
CA GLU D 27 9.82 39.16 17.74
C GLU D 27 10.70 37.92 17.83
N ILE D 28 10.16 36.78 17.41
CA ILE D 28 10.95 35.56 17.48
C ILE D 28 11.98 35.49 16.37
N ILE D 29 11.72 36.11 15.23
CA ILE D 29 12.70 36.11 14.15
C ILE D 29 13.94 36.86 14.59
N ARG D 30 13.75 37.85 15.47
CA ARG D 30 14.84 38.67 15.99
C ARG D 30 15.80 37.89 16.91
N GLY D 31 15.28 36.87 17.60
CA GLY D 31 16.11 36.10 18.51
C GLY D 31 16.69 34.82 17.95
N ILE D 32 16.97 34.80 16.65
CA ILE D 32 17.51 33.61 16.01
C ILE D 32 18.68 33.95 15.08
N ARG D 33 19.78 33.22 15.22
CA ARG D 33 20.98 33.46 14.42
C ARG D 33 21.14 32.46 13.29
N HIS D 34 20.40 31.37 13.36
CA HIS D 34 20.49 30.34 12.33
C HIS D 34 19.17 30.15 11.61
N PHE D 35 19.25 30.02 10.29
CA PHE D 35 18.09 29.85 9.43
C PHE D 35 18.29 28.80 8.34
N ILE D 36 17.41 27.81 8.30
CA ILE D 36 17.47 26.76 7.27
C ILE D 36 16.49 27.27 6.22
N VAL D 37 16.99 27.61 5.04
CA VAL D 37 16.14 28.15 3.97
C VAL D 37 16.29 27.32 2.70
N GLU D 38 15.38 27.55 1.76
CA GLU D 38 15.44 26.82 0.50
C GLU D 38 15.94 27.74 -0.60
N ASP D 39 16.41 28.90 -0.17
CA ASP D 39 16.97 29.90 -1.06
C ASP D 39 17.45 31.07 -0.21
N VAL D 40 18.75 31.15 -0.03
CA VAL D 40 19.35 32.20 0.78
C VAL D 40 18.94 33.58 0.30
N ARG D 41 18.96 33.78 -1.01
CA ARG D 41 18.58 35.07 -1.58
C ARG D 41 17.22 35.54 -1.15
N SER D 42 16.19 34.74 -1.42
CA SER D 42 14.83 35.12 -1.04
C SER D 42 14.74 35.26 0.48
N ALA D 43 15.49 34.40 1.16
CA ALA D 43 15.53 34.38 2.62
C ALA D 43 16.09 35.67 3.20
N ARG D 44 17.18 36.16 2.62
CA ARG D 44 17.82 37.41 3.06
C ARG D 44 16.89 38.59 2.83
N ARG D 45 16.31 38.62 1.64
CA ARG D 45 15.40 39.69 1.24
C ARG D 45 14.15 39.66 2.14
N PHE D 46 13.68 38.46 2.47
CA PHE D 46 12.52 38.35 3.33
C PHE D 46 12.83 38.97 4.68
N LEU D 47 13.99 38.62 5.22
CA LEU D 47 14.40 39.11 6.54
C LEU D 47 14.70 40.62 6.55
N LYS D 48 14.85 41.22 5.39
CA LYS D 48 15.10 42.66 5.30
C LYS D 48 13.77 43.39 5.42
N LYS D 49 12.71 42.77 4.93
CA LYS D 49 11.39 43.39 5.01
C LYS D 49 10.78 43.28 6.39
N VAL D 50 11.19 42.28 7.15
CA VAL D 50 10.67 42.08 8.50
C VAL D 50 11.32 43.07 9.46
N ASP D 51 12.59 43.36 9.23
CA ASP D 51 13.35 44.29 10.06
C ASP D 51 14.60 44.75 9.31
N ARG D 52 14.54 45.95 8.74
CA ARG D 52 15.67 46.51 7.98
C ARG D 52 16.94 46.63 8.83
N GLU D 53 16.76 46.73 10.15
CA GLU D 53 17.86 46.88 11.07
C GLU D 53 18.63 45.61 11.43
N ILE D 54 18.19 44.46 10.92
CA ILE D 54 18.87 43.21 11.23
C ILE D 54 20.22 43.05 10.52
N ASP D 55 21.20 42.53 11.25
CA ASP D 55 22.54 42.28 10.71
C ASP D 55 22.50 40.94 9.96
N ILE D 56 21.99 40.98 8.74
CA ILE D 56 21.88 39.80 7.91
C ILE D 56 23.18 38.99 7.88
N ASP D 57 24.32 39.69 7.88
CA ASP D 57 25.63 39.05 7.83
C ASP D 57 26.04 38.32 9.11
N SER D 58 25.37 38.63 10.21
CA SER D 58 25.64 38.00 11.50
C SER D 58 24.96 36.63 11.59
N LEU D 59 24.17 36.32 10.58
CA LEU D 59 23.42 35.07 10.52
C LEU D 59 24.15 33.92 9.86
N THR D 60 23.58 32.73 10.00
CA THR D 60 24.14 31.51 9.42
C THR D 60 23.04 30.87 8.57
N PHE D 61 23.29 30.71 7.28
CA PHE D 61 22.30 30.11 6.41
C PHE D 61 22.70 28.70 5.98
N TYR D 62 21.72 27.81 5.94
CA TYR D 62 21.98 26.44 5.54
C TYR D 62 21.08 26.10 4.36
N PRO D 63 21.67 25.99 3.16
CA PRO D 63 20.93 25.67 1.93
C PRO D 63 20.30 24.29 1.92
N LEU D 64 19.04 24.23 1.49
CA LEU D 64 18.29 22.97 1.41
C LEU D 64 17.16 23.02 0.40
N ASN D 65 16.81 21.85 -0.13
CA ASN D 65 15.74 21.71 -1.09
C ASN D 65 15.41 20.21 -1.18
N LYS D 66 14.46 19.84 -2.03
CA LYS D 66 14.11 18.43 -2.16
C LYS D 66 15.35 17.59 -2.44
N HIS D 67 16.31 18.19 -3.15
CA HIS D 67 17.57 17.53 -3.46
C HIS D 67 18.50 17.75 -2.27
N THR D 68 18.45 16.82 -1.31
CA THR D 68 19.28 16.90 -0.12
C THR D 68 19.40 15.54 0.52
N SER D 69 20.06 15.49 1.67
CA SER D 69 20.24 14.24 2.40
C SER D 69 19.98 14.48 3.87
N PRO D 70 19.34 13.52 4.55
CA PRO D 70 19.04 13.70 5.97
C PRO D 70 20.34 13.74 6.79
N GLU D 71 21.45 13.45 6.11
CA GLU D 71 22.76 13.46 6.74
C GLU D 71 23.15 14.91 7.03
N ASP D 72 22.95 15.77 6.03
CA ASP D 72 23.28 17.19 6.14
C ASP D 72 22.26 17.92 7.02
N ILE D 73 20.98 17.63 6.80
CA ILE D 73 19.91 18.26 7.59
C ILE D 73 20.17 18.09 9.09
N SER D 74 20.48 16.87 9.51
CA SER D 74 20.78 16.58 10.91
C SER D 74 21.92 17.49 11.34
N GLY D 75 22.93 17.56 10.47
CA GLY D 75 24.09 18.40 10.74
C GLY D 75 23.72 19.85 10.97
N TYR D 76 22.72 20.34 10.22
CA TYR D 76 22.27 21.73 10.37
C TYR D 76 21.40 21.92 11.62
N LEU D 77 20.91 20.81 12.16
CA LEU D 77 20.07 20.82 13.36
C LEU D 77 20.88 20.81 14.65
N LYS D 78 22.19 20.70 14.53
CA LYS D 78 23.05 20.65 15.72
C LYS D 78 22.91 21.80 16.72
N PRO D 79 22.94 23.05 16.25
CA PRO D 79 22.82 24.13 17.24
C PRO D 79 21.50 24.07 18.01
N LEU D 80 20.45 23.58 17.38
CA LEU D 80 19.15 23.46 18.04
C LEU D 80 19.26 22.36 19.07
N ALA D 81 19.93 21.28 18.67
CA ALA D 81 20.15 20.12 19.54
C ALA D 81 20.98 20.62 20.71
N GLY D 82 21.77 21.67 20.46
CA GLY D 82 22.59 22.25 21.50
C GLY D 82 21.69 23.03 22.45
N GLY D 83 20.89 23.93 21.88
CA GLY D 83 20.00 24.73 22.69
C GLY D 83 19.73 26.12 22.10
N ALA D 84 20.14 26.31 20.85
CA ALA D 84 19.95 27.59 20.17
C ALA D 84 18.78 27.54 19.17
N SER D 85 17.73 28.32 19.43
CA SER D 85 16.57 28.33 18.52
C SER D 85 17.01 28.54 17.07
N MSE D 86 16.24 27.98 16.14
CA MSE D 86 16.52 28.12 14.72
C MSE D 86 15.23 28.42 13.97
O MSE D 86 14.13 28.25 14.49
CB MSE D 86 17.15 26.83 14.18
CG MSE D 86 18.61 26.58 14.59
SE MSE D 86 19.33 24.93 13.85
CE MSE D 86 19.65 25.49 12.02
N GLY D 87 15.37 28.88 12.72
CA GLY D 87 14.19 29.19 11.95
C GLY D 87 14.25 28.61 10.55
N VAL D 88 13.07 28.35 9.97
CA VAL D 88 13.01 27.85 8.62
C VAL D 88 12.16 28.78 7.77
N ILE D 89 12.70 29.10 6.61
CA ILE D 89 12.04 29.97 5.66
C ILE D 89 12.03 29.27 4.29
N SER D 90 10.85 28.97 3.78
CA SER D 90 10.76 28.31 2.48
C SER D 90 10.23 29.32 1.47
N GLU D 91 10.11 28.89 0.21
CA GLU D 91 9.58 29.76 -0.83
C GLU D 91 10.24 31.14 -0.86
N ASP D 99 8.51 24.12 1.35
CA ASP D 99 8.29 22.84 0.69
C ASP D 99 9.38 21.87 1.14
N PRO D 100 10.66 22.22 0.91
CA PRO D 100 11.67 21.26 1.37
C PRO D 100 11.85 21.44 2.87
N GLY D 101 11.20 22.45 3.41
CA GLY D 101 11.28 22.67 4.84
C GLY D 101 10.65 21.51 5.58
N ALA D 102 9.65 20.88 4.96
CA ALA D 102 8.96 19.72 5.55
C ALA D 102 9.94 18.61 5.90
N ASP D 103 10.89 18.35 5.00
CA ASP D 103 11.88 17.32 5.22
C ASP D 103 12.76 17.67 6.41
N VAL D 104 12.99 18.97 6.62
CA VAL D 104 13.77 19.42 7.76
C VAL D 104 12.99 19.13 9.05
N VAL D 105 11.71 19.48 9.07
CA VAL D 105 10.90 19.23 10.25
C VAL D 105 10.86 17.71 10.54
N ALA D 106 10.76 16.92 9.48
CA ALA D 106 10.70 15.47 9.60
C ALA D 106 11.89 14.93 10.42
N ILE D 107 13.10 15.33 10.04
CA ILE D 107 14.28 14.88 10.74
C ILE D 107 14.22 15.37 12.17
N ALA D 108 13.81 16.62 12.35
CA ALA D 108 13.71 17.21 13.68
C ALA D 108 12.72 16.44 14.55
N GLN D 109 11.57 16.06 13.98
CA GLN D 109 10.55 15.31 14.70
C GLN D 109 11.12 13.98 15.13
N ARG D 110 11.87 13.36 14.21
CA ARG D 110 12.49 12.06 14.44
C ARG D 110 13.55 12.15 15.55
N GLN D 111 14.02 13.35 15.84
CA GLN D 111 14.99 13.56 16.89
C GLN D 111 14.32 14.15 18.10
N LYS D 112 12.99 14.06 18.13
CA LYS D 112 12.18 14.59 19.22
C LYS D 112 12.56 16.01 19.60
N LEU D 113 12.77 16.86 18.60
CA LEU D 113 13.10 18.26 18.85
C LEU D 113 11.83 19.07 18.77
N LYS D 114 11.73 20.08 19.64
CA LYS D 114 10.57 20.95 19.68
C LYS D 114 10.42 21.77 18.41
N VAL D 115 9.32 21.56 17.71
CA VAL D 115 9.02 22.29 16.49
C VAL D 115 7.80 23.15 16.82
N ILE D 116 7.82 24.39 16.36
CA ILE D 116 6.68 25.27 16.61
C ILE D 116 6.40 26.05 15.34
N PRO D 117 5.17 25.94 14.83
CA PRO D 117 4.79 26.66 13.61
C PRO D 117 4.12 27.98 13.95
N LEU D 118 4.42 29.00 13.15
CA LEU D 118 3.83 30.31 13.36
C LEU D 118 2.72 30.57 12.34
N VAL D 119 1.84 31.51 12.65
CA VAL D 119 0.74 31.82 11.76
C VAL D 119 1.22 32.56 10.52
N GLY D 120 0.58 32.27 9.40
CA GLY D 120 0.92 32.90 8.14
C GLY D 120 -0.22 32.66 7.19
N PRO D 121 -0.27 33.38 6.06
CA PRO D 121 -1.37 33.18 5.11
C PRO D 121 -1.39 31.79 4.45
N SER D 122 -2.57 31.17 4.44
CA SER D 122 -2.72 29.87 3.82
C SER D 122 -3.62 29.98 2.61
N SER D 123 -3.03 29.79 1.44
CA SER D 123 -3.80 29.85 0.20
C SER D 123 -4.96 28.86 0.28
N ILE D 124 -4.70 27.70 0.86
CA ILE D 124 -5.72 26.67 1.00
C ILE D 124 -6.88 27.01 1.94
N ILE D 125 -6.61 27.19 3.25
CA ILE D 125 -7.72 27.48 4.15
C ILE D 125 -8.46 28.77 3.82
N LEU D 126 -7.74 29.79 3.36
CA LEU D 126 -8.39 31.03 2.99
C LEU D 126 -9.40 30.80 1.87
N SER D 127 -9.07 29.96 0.89
CA SER D 127 -10.00 29.71 -0.21
C SER D 127 -11.20 28.92 0.32
N VAL D 128 -10.93 27.97 1.21
CA VAL D 128 -11.99 27.18 1.82
C VAL D 128 -12.99 28.13 2.50
N MSE D 129 -12.48 29.07 3.28
CA MSE D 129 -13.33 30.04 3.99
C MSE D 129 -14.20 30.89 3.06
O MSE D 129 -15.41 31.03 3.29
CB MSE D 129 -12.44 30.98 4.81
CG MSE D 129 -11.70 30.36 5.99
SE MSE D 129 -10.31 31.57 6.61
CE MSE D 129 -11.39 33.13 7.02
N ALA D 130 -13.59 31.49 2.04
CA ALA D 130 -14.31 32.35 1.11
C ALA D 130 -15.13 31.61 0.05
N SER D 131 -14.89 30.31 -0.10
CA SER D 131 -15.60 29.49 -1.09
C SER D 131 -17.04 29.27 -0.68
N GLY D 132 -17.28 29.30 0.61
CA GLY D 132 -18.62 29.07 1.10
C GLY D 132 -18.91 27.59 1.09
N PHE D 133 -17.90 26.76 0.86
CA PHE D 133 -18.10 25.31 0.84
C PHE D 133 -17.91 24.71 2.22
N ASN D 134 -18.01 23.38 2.30
CA ASN D 134 -17.84 22.67 3.56
C ASN D 134 -16.38 22.73 4.04
N GLY D 135 -16.15 23.39 5.17
CA GLY D 135 -14.79 23.51 5.68
C GLY D 135 -14.42 22.48 6.71
N GLN D 136 -15.36 21.63 7.08
CA GLN D 136 -15.09 20.60 8.08
C GLN D 136 -14.53 19.33 7.45
N SER D 137 -14.42 19.31 6.13
CA SER D 137 -13.90 18.14 5.43
C SER D 137 -13.49 18.53 4.03
N PHE D 138 -12.18 18.69 3.81
CA PHE D 138 -11.73 19.07 2.49
C PHE D 138 -10.42 18.41 2.13
N ALA D 139 -10.23 18.19 0.84
CA ALA D 139 -9.03 17.53 0.36
C ALA D 139 -8.32 18.36 -0.72
N PHE D 140 -7.03 18.59 -0.50
CA PHE D 140 -6.18 19.34 -1.43
C PHE D 140 -5.25 18.36 -2.16
N HIS D 141 -5.36 18.31 -3.48
CA HIS D 141 -4.54 17.38 -4.26
C HIS D 141 -3.35 17.97 -5.00
N GLY D 142 -3.08 19.27 -4.84
CA GLY D 142 -1.98 19.88 -5.56
C GLY D 142 -2.29 19.84 -7.06
N TYR D 143 -1.30 19.50 -7.88
CA TYR D 143 -1.54 19.44 -9.33
C TYR D 143 -2.27 18.15 -9.71
N LEU D 144 -3.14 18.25 -10.70
CA LEU D 144 -3.90 17.11 -11.19
C LEU D 144 -3.13 16.56 -12.38
N PRO D 145 -3.29 15.25 -12.66
CA PRO D 145 -2.60 14.62 -13.80
C PRO D 145 -2.76 15.48 -15.06
N ILE D 146 -1.66 16.07 -15.52
CA ILE D 146 -1.68 16.93 -16.72
C ILE D 146 -2.13 16.13 -17.94
N GLU D 147 -1.81 14.84 -17.92
CA GLU D 147 -2.16 13.92 -18.99
C GLU D 147 -3.62 13.97 -19.41
N PRO D 148 -3.89 14.12 -20.72
CA PRO D 148 -5.28 14.16 -21.18
C PRO D 148 -5.96 12.83 -20.86
N GLY D 149 -7.25 12.87 -20.60
CA GLY D 149 -7.98 11.65 -20.28
C GLY D 149 -7.77 11.23 -18.84
N GLU D 150 -6.54 11.38 -18.36
CA GLU D 150 -6.22 11.04 -16.99
C GLU D 150 -6.79 12.18 -16.14
N ARG D 151 -6.77 13.38 -16.71
CA ARG D 151 -7.27 14.58 -16.08
C ARG D 151 -8.75 14.46 -15.74
N ALA D 152 -9.54 14.02 -16.72
CA ALA D 152 -10.97 13.85 -16.56
C ALA D 152 -11.30 12.72 -15.58
N LYS D 153 -10.47 11.68 -15.58
CA LYS D 153 -10.67 10.57 -14.66
C LYS D 153 -10.59 11.16 -13.25
N LYS D 154 -9.55 11.95 -13.03
CA LYS D 154 -9.33 12.58 -11.74
C LYS D 154 -10.48 13.49 -11.32
N LEU D 155 -10.79 14.48 -12.15
CA LEU D 155 -11.86 15.42 -11.87
C LEU D 155 -13.15 14.68 -11.55
N LYS D 156 -13.45 13.66 -12.36
CA LYS D 156 -14.67 12.89 -12.20
C LYS D 156 -14.68 11.99 -10.95
N THR D 157 -13.50 11.72 -10.40
CA THR D 157 -13.39 10.92 -9.19
C THR D 157 -13.59 11.86 -7.99
N LEU D 158 -12.87 12.99 -8.01
CA LEU D 158 -13.01 13.97 -6.95
C LEU D 158 -14.47 14.43 -6.87
N GLU D 159 -15.12 14.58 -8.02
CA GLU D 159 -16.50 15.02 -8.04
C GLU D 159 -17.43 13.99 -7.41
N GLN D 160 -17.13 12.70 -7.60
CA GLN D 160 -17.98 11.66 -7.01
C GLN D 160 -17.80 11.74 -5.50
N ARG D 161 -16.56 12.02 -5.10
CA ARG D 161 -16.21 12.11 -3.69
C ARG D 161 -16.93 13.28 -3.04
N VAL D 162 -17.18 14.34 -3.81
CA VAL D 162 -17.90 15.51 -3.32
C VAL D 162 -19.25 15.10 -2.75
N TYR D 163 -19.97 14.27 -3.52
CA TYR D 163 -21.29 13.77 -3.17
C TYR D 163 -21.24 12.55 -2.26
N ALA D 164 -20.21 11.74 -2.43
CA ALA D 164 -20.05 10.52 -1.63
C ALA D 164 -19.81 10.79 -0.15
N GLU D 165 -18.70 11.47 0.16
CA GLU D 165 -18.36 11.77 1.54
C GLU D 165 -18.50 13.26 1.93
N SER D 166 -19.17 14.04 1.08
CA SER D 166 -19.37 15.47 1.33
C SER D 166 -18.07 16.16 1.67
N GLN D 167 -17.06 15.98 0.83
CA GLN D 167 -15.78 16.60 1.08
C GLN D 167 -15.41 17.57 -0.02
N THR D 168 -15.03 18.78 0.39
CA THR D 168 -14.64 19.79 -0.57
C THR D 168 -13.36 19.31 -1.23
N GLN D 169 -13.19 19.59 -2.52
CA GLN D 169 -11.97 19.16 -3.20
C GLN D 169 -11.30 20.37 -3.80
N LEU D 170 -10.03 20.55 -3.46
CA LEU D 170 -9.24 21.67 -3.94
C LEU D 170 -8.03 21.19 -4.71
N PHE D 171 -7.62 21.95 -5.71
CA PHE D 171 -6.43 21.63 -6.48
C PHE D 171 -5.96 22.86 -7.23
N ILE D 172 -4.68 22.89 -7.58
CA ILE D 172 -4.13 24.05 -8.28
C ILE D 172 -3.78 23.76 -9.73
N GLU D 173 -3.10 24.73 -10.35
CA GLU D 173 -2.68 24.63 -11.73
C GLU D 173 -1.71 25.77 -12.03
N THR D 174 -0.72 25.50 -12.86
CA THR D 174 0.25 26.54 -13.20
C THR D 174 -0.49 27.71 -13.87
N PRO D 175 -0.16 28.94 -13.49
CA PRO D 175 -0.83 30.11 -14.07
C PRO D 175 -0.89 30.19 -15.60
N TYR D 176 -0.18 29.30 -16.28
CA TYR D 176 -0.18 29.31 -17.74
C TYR D 176 -1.33 28.46 -18.30
N ARG D 177 -1.77 27.46 -17.55
CA ARG D 177 -2.85 26.60 -18.01
C ARG D 177 -4.25 26.79 -17.40
N ASN D 178 -4.45 27.85 -16.60
CA ASN D 178 -5.77 28.04 -15.97
C ASN D 178 -6.95 27.92 -16.93
N HIS D 179 -6.88 28.63 -18.05
CA HIS D 179 -7.95 28.59 -19.03
C HIS D 179 -8.26 27.17 -19.51
N LYS D 180 -7.25 26.30 -19.47
CA LYS D 180 -7.45 24.91 -19.91
C LYS D 180 -8.07 24.03 -18.81
N MSE D 181 -7.87 24.43 -17.56
CA MSE D 181 -8.40 23.69 -16.42
C MSE D 181 -9.89 23.97 -16.28
O MSE D 181 -10.71 23.03 -16.22
CB MSE D 181 -7.67 24.09 -15.13
CG MSE D 181 -8.20 23.42 -13.87
SE MSE D 181 -7.80 21.52 -13.81
CE MSE D 181 -9.31 20.84 -14.78
N ILE D 182 -10.25 25.24 -16.22
CA ILE D 182 -11.65 25.63 -16.10
C ILE D 182 -12.44 24.98 -17.23
N GLU D 183 -11.81 24.88 -18.40
CA GLU D 183 -12.42 24.27 -19.57
C GLU D 183 -12.76 22.82 -19.29
N ASP D 184 -11.78 22.09 -18.76
CA ASP D 184 -11.97 20.68 -18.46
C ASP D 184 -13.00 20.45 -17.37
N ILE D 185 -13.03 21.34 -16.37
CA ILE D 185 -14.01 21.23 -15.29
C ILE D 185 -15.41 21.34 -15.86
N LEU D 186 -15.58 22.27 -16.81
CA LEU D 186 -16.85 22.51 -17.44
C LEU D 186 -17.14 21.45 -18.48
N GLN D 187 -16.19 20.56 -18.73
CA GLN D 187 -16.44 19.49 -19.68
C GLN D 187 -16.76 18.21 -18.92
N ASN D 188 -16.01 17.92 -17.86
CA ASN D 188 -16.23 16.69 -17.12
C ASN D 188 -16.98 16.77 -15.78
N CYS D 189 -17.54 17.93 -15.46
CA CYS D 189 -18.28 18.02 -14.20
C CYS D 189 -19.75 18.32 -14.43
N ARG D 190 -20.60 17.78 -13.56
CA ARG D 190 -22.02 17.99 -13.65
C ARG D 190 -22.27 19.49 -13.66
N PRO D 191 -23.37 19.95 -14.28
CA PRO D 191 -23.70 21.38 -14.35
C PRO D 191 -24.18 21.98 -13.03
N GLN D 192 -24.56 21.15 -12.08
CA GLN D 192 -25.01 21.66 -10.80
C GLN D 192 -23.89 21.63 -9.75
N THR D 193 -22.80 20.94 -10.04
CA THR D 193 -21.69 20.92 -9.11
C THR D 193 -21.25 22.39 -8.98
N LYS D 194 -20.67 22.75 -7.85
CA LYS D 194 -20.23 24.13 -7.66
C LYS D 194 -18.72 24.27 -7.76
N LEU D 195 -18.29 25.36 -8.38
CA LEU D 195 -16.87 25.60 -8.54
C LEU D 195 -16.48 26.98 -8.04
N CYS D 196 -15.52 27.03 -7.13
CA CYS D 196 -15.04 28.30 -6.64
C CYS D 196 -13.67 28.61 -7.23
N ILE D 197 -13.53 29.79 -7.84
CA ILE D 197 -12.23 30.17 -8.36
C ILE D 197 -11.69 31.19 -7.36
N ALA D 198 -10.54 30.89 -6.76
CA ALA D 198 -9.90 31.79 -5.79
C ALA D 198 -8.55 32.16 -6.41
N ALA D 199 -8.46 33.37 -6.97
CA ALA D 199 -7.26 33.83 -7.66
C ALA D 199 -6.11 34.44 -6.86
N ASN D 200 -5.94 35.76 -6.96
CA ASN D 200 -4.85 36.44 -6.25
C ASN D 200 -5.10 36.56 -4.77
N ILE D 201 -5.33 35.44 -4.11
CA ILE D 201 -5.64 35.44 -2.69
C ILE D 201 -4.67 36.27 -1.88
N THR D 202 -5.21 37.25 -1.16
CA THR D 202 -4.41 38.15 -0.34
C THR D 202 -3.82 39.35 -1.10
N CYS D 203 -3.55 39.18 -2.39
CA CYS D 203 -2.94 40.22 -3.21
C CYS D 203 -3.89 41.18 -3.89
N GLU D 204 -3.32 42.24 -4.48
CA GLU D 204 -4.11 43.25 -5.19
C GLU D 204 -4.85 42.53 -6.32
N GLY D 205 -6.17 42.68 -6.35
CA GLY D 205 -6.95 42.02 -7.39
C GLY D 205 -7.54 40.70 -6.93
N GLU D 206 -7.51 40.44 -5.62
CA GLU D 206 -8.08 39.20 -5.09
C GLU D 206 -9.48 38.94 -5.65
N PHE D 207 -9.66 37.74 -6.19
CA PHE D 207 -10.93 37.33 -6.78
C PHE D 207 -11.30 35.91 -6.34
N ILE D 208 -12.34 35.80 -5.53
CA ILE D 208 -12.81 34.50 -5.04
C ILE D 208 -14.32 34.43 -5.26
N GLN D 209 -14.72 33.81 -6.36
CA GLN D 209 -16.12 33.72 -6.69
C GLN D 209 -16.60 32.27 -6.79
N THR D 210 -17.81 32.03 -6.29
CA THR D 210 -18.38 30.70 -6.34
C THR D 210 -19.61 30.68 -7.20
N ARG D 211 -19.58 29.85 -8.23
CA ARG D 211 -20.72 29.72 -9.12
C ARG D 211 -20.92 28.26 -9.43
N THR D 212 -22.08 28.01 -10.00
CA THR D 212 -22.47 26.68 -10.43
C THR D 212 -21.76 26.51 -11.78
N VAL D 213 -21.17 25.34 -12.01
CA VAL D 213 -20.46 25.04 -13.25
C VAL D 213 -21.23 25.47 -14.50
N LYS D 214 -22.54 25.36 -14.43
CA LYS D 214 -23.41 25.76 -15.50
C LYS D 214 -23.24 27.27 -15.69
N ASP D 215 -23.38 28.00 -14.60
CA ASP D 215 -23.28 29.46 -14.65
C ASP D 215 -21.88 29.99 -14.97
N TRP D 216 -20.89 29.10 -14.97
CA TRP D 216 -19.53 29.48 -15.29
C TRP D 216 -19.37 29.51 -16.80
N LYS D 217 -20.09 28.59 -17.48
CA LYS D 217 -20.07 28.46 -18.94
C LYS D 217 -19.89 29.83 -19.57
N GLY D 218 -20.77 30.76 -19.17
CA GLY D 218 -20.67 32.11 -19.64
C GLY D 218 -20.09 32.83 -18.44
N HIS D 219 -19.54 34.02 -18.61
CA HIS D 219 -18.98 34.74 -17.46
C HIS D 219 -17.74 34.06 -16.87
N ILE D 220 -16.78 33.69 -17.71
CA ILE D 220 -15.57 33.02 -17.23
C ILE D 220 -14.36 33.97 -17.31
N PRO D 221 -13.75 34.29 -16.15
CA PRO D 221 -12.58 35.18 -15.99
C PRO D 221 -11.35 34.81 -16.81
N GLU D 222 -10.50 35.81 -17.07
CA GLU D 222 -9.28 35.57 -17.85
C GLU D 222 -8.30 34.67 -17.08
N LEU D 223 -7.81 35.14 -15.94
CA LEU D 223 -6.92 34.34 -15.10
C LEU D 223 -5.72 33.76 -15.87
N SER D 224 -5.39 34.37 -17.01
CA SER D 224 -4.31 33.89 -17.87
C SER D 224 -2.90 34.02 -17.28
N LYS D 225 -2.75 34.86 -16.27
CA LYS D 225 -1.43 35.05 -15.68
C LYS D 225 -1.29 34.82 -14.18
N ILE D 226 -2.37 34.99 -13.42
CA ILE D 226 -2.29 34.79 -11.98
C ILE D 226 -2.67 33.38 -11.51
N PRO D 227 -2.03 32.90 -10.43
CA PRO D 227 -2.29 31.57 -9.88
C PRO D 227 -3.68 31.43 -9.23
N CYS D 228 -4.26 30.23 -9.33
CA CYS D 228 -5.57 29.96 -8.75
C CYS D 228 -5.63 28.63 -8.03
N ILE D 229 -6.58 28.51 -7.11
CA ILE D 229 -6.81 27.25 -6.39
C ILE D 229 -8.25 26.99 -6.80
N PHE D 230 -8.53 25.79 -7.29
CA PHE D 230 -9.89 25.48 -7.69
C PHE D 230 -10.53 24.58 -6.63
N LEU D 231 -11.76 24.91 -6.24
CA LEU D 231 -12.48 24.13 -5.23
C LEU D 231 -13.80 23.63 -5.81
N LEU D 232 -14.08 22.33 -5.64
CA LEU D 232 -15.31 21.71 -6.11
C LEU D 232 -16.15 21.26 -4.92
N TYR D 233 -17.46 21.51 -4.97
CA TYR D 233 -18.33 21.08 -3.88
C TYR D 233 -19.76 20.96 -4.39
N LYS D 234 -20.67 20.46 -3.57
CA LYS D 234 -22.06 20.33 -4.01
C LYS D 234 -22.95 21.48 -3.58
N LEU D 235 -24.16 21.52 -4.11
CA LEU D 235 -25.11 22.58 -3.82
C LEU D 235 -26.16 22.13 -2.78
#